data_1OI9
#
_entry.id   1OI9
#
_cell.length_a   74.122
_cell.length_b   134.732
_cell.length_c   148.244
_cell.angle_alpha   90.00
_cell.angle_beta   90.00
_cell.angle_gamma   90.00
#
_symmetry.space_group_name_H-M   'P 21 21 21'
#
loop_
_entity.id
_entity.type
_entity.pdbx_description
1 polymer 'CELL DIVISION PROTEIN KINASE 2'
2 polymer 'CYCLIN A2'
3 non-polymer "6-CYCLOHEXYLMETHYLOXY-2-(4'-HYDROXYANILINO)PURINE"
4 non-polymer MONOTHIOGLYCEROL
5 non-polymer 'MAGNESIUM ION'
6 water water
#
loop_
_entity_poly.entity_id
_entity_poly.type
_entity_poly.pdbx_seq_one_letter_code
_entity_poly.pdbx_strand_id
1 'polypeptide(L)'
;GPGSMENFQKVEKIGEGTYGVVYKARNKLTGEVVALKKIRLDTETEGVPSTAIREISLLKELNHPNIVKLLDVIHTENKL
YLVFEFLHQDLKKFMDASALTGIPLPLIKSYLFQLLQGLAFCHSHRVLHRDLKPQNLLINTEGAIKLADFGLARAFGVPV
RTY(TPO)HEVVTLWYRAPEILLGCKYYSTAVDIWSLGCIFAEMVTRRALFPGDSEIDQLFRIFRTLGTPDEVVWPGVTS
MPDYKPSFPKWARQDFSKVVPPLDEDGRSLLSQMLHYDPNKRISAKAALAHPFFQDVTKPVPHLRL
;
A,C
2 'polypeptide(L)'
;MEVPDYHEDIHTYLREMEVKCKPKVGYMKKQPDITNSMRAILVDWLVEVGEEYKLQNETLHLAVNYIDRFLSSMSVLRGK
LQLVGTAAMLLASKFEEIYPPEVAEFVYITDDTYTKKQVLRMEHLVLKVLTFDLAAPTVNQFLTQYFLHQQPANCKVESL
AMFLGELSLIDADPYLKYLPSVIAGAAFHLALYTVTGQSWPESLIRKTGYTLESLKPCLMDLHQTYLKAPQHAQQSIREK
YKNSKYHGVSLLNPPETLNL
;
B,D
#
loop_
_chem_comp.id
_chem_comp.type
_chem_comp.name
_chem_comp.formula
MG non-polymer 'MAGNESIUM ION' 'Mg 2'
N20 non-polymer 6-CYCLOHEXYLMETHYLOXY-2-(4'-HYDROXYANILINO)PURINE 'C18 H21 N5 O2'
SGM non-polymer MONOTHIOGLYCEROL 'C3 H8 O2 S'
#
# COMPACT_ATOMS: atom_id res chain seq x y z
N SER A 4 -15.13 -3.95 -15.30
CA SER A 4 -14.15 -4.60 -14.34
C SER A 4 -13.26 -5.62 -15.04
N MET A 5 -13.90 -6.47 -15.84
CA MET A 5 -13.24 -7.49 -16.61
C MET A 5 -13.13 -7.06 -18.07
N GLU A 6 -13.49 -5.81 -18.32
CA GLU A 6 -13.50 -5.24 -19.67
C GLU A 6 -12.18 -5.36 -20.42
N ASN A 7 -11.06 -5.20 -19.75
CA ASN A 7 -9.76 -5.32 -20.46
C ASN A 7 -9.28 -6.75 -20.73
N PHE A 8 -10.04 -7.74 -20.28
CA PHE A 8 -9.63 -9.12 -20.48
C PHE A 8 -10.46 -9.81 -21.57
N GLN A 9 -9.77 -10.43 -22.51
CA GLN A 9 -10.39 -11.20 -23.58
C GLN A 9 -10.14 -12.68 -23.32
N LYS A 10 -11.22 -13.41 -23.07
CA LYS A 10 -11.15 -14.83 -22.79
C LYS A 10 -10.65 -15.55 -24.04
N VAL A 11 -9.83 -16.56 -23.81
CA VAL A 11 -9.19 -17.27 -24.91
C VAL A 11 -9.77 -18.69 -24.91
N GLU A 12 -9.65 -19.39 -23.79
CA GLU A 12 -10.15 -20.76 -23.66
C GLU A 12 -10.17 -21.18 -22.20
N LYS A 13 -10.99 -22.16 -21.88
CA LYS A 13 -11.04 -22.71 -20.53
C LYS A 13 -9.84 -23.63 -20.38
N ILE A 14 -9.13 -23.50 -19.25
CA ILE A 14 -7.99 -24.36 -18.93
C ILE A 14 -8.46 -25.58 -18.16
N GLY A 15 -9.20 -25.36 -17.08
CA GLY A 15 -9.75 -26.47 -16.31
C GLY A 15 -10.27 -26.07 -14.96
N GLU A 16 -10.48 -27.09 -14.12
CA GLU A 16 -11.05 -26.89 -12.79
C GLU A 16 -10.13 -27.49 -11.75
N GLY A 17 -9.76 -26.68 -10.76
CA GLY A 17 -8.89 -27.13 -9.69
C GLY A 17 -9.67 -27.41 -8.42
N THR A 18 -9.07 -27.07 -7.29
CA THR A 18 -9.71 -27.28 -5.98
C THR A 18 -11.08 -26.64 -5.94
N TYR A 19 -11.17 -25.42 -6.42
CA TYR A 19 -12.44 -24.73 -6.46
C TYR A 19 -12.39 -23.78 -7.65
N GLY A 20 -13.57 -23.34 -8.11
CA GLY A 20 -13.68 -22.42 -9.23
C GLY A 20 -13.27 -23.00 -10.57
N VAL A 21 -13.17 -22.12 -11.57
CA VAL A 21 -12.83 -22.49 -12.94
C VAL A 21 -11.73 -21.55 -13.43
N VAL A 22 -10.76 -22.09 -14.17
CA VAL A 22 -9.64 -21.31 -14.69
C VAL A 22 -9.64 -21.22 -16.22
N TYR A 23 -9.54 -19.99 -16.73
CA TYR A 23 -9.51 -19.67 -18.15
C TYR A 23 -8.19 -19.01 -18.51
N LYS A 24 -7.80 -19.14 -19.76
CA LYS A 24 -6.70 -18.38 -20.33
C LYS A 24 -7.34 -17.14 -20.91
N ALA A 25 -6.79 -15.97 -20.59
CA ALA A 25 -7.30 -14.72 -21.13
C ALA A 25 -6.11 -13.82 -21.48
N ARG A 26 -6.36 -12.76 -22.22
CA ARG A 26 -5.32 -11.77 -22.49
C ARG A 26 -5.81 -10.39 -22.17
N ASN A 27 -4.89 -9.58 -21.61
CA ASN A 27 -5.13 -8.20 -21.29
C ASN A 27 -5.01 -7.47 -22.62
N LYS A 28 -6.09 -6.78 -23.00
CA LYS A 28 -6.18 -6.17 -24.33
C LYS A 28 -5.32 -4.92 -24.43
N LEU A 29 -4.99 -4.31 -23.28
CA LEU A 29 -4.22 -3.09 -23.29
C LEU A 29 -2.70 -3.35 -23.21
N THR A 30 -2.26 -4.34 -22.44
CA THR A 30 -0.83 -4.56 -22.24
C THR A 30 -0.31 -5.70 -23.06
N GLY A 31 -1.22 -6.55 -23.53
CA GLY A 31 -0.86 -7.76 -24.25
C GLY A 31 -0.60 -8.95 -23.34
N GLU A 32 -0.62 -8.77 -22.01
CA GLU A 32 -0.25 -9.87 -21.13
C GLU A 32 -1.25 -11.03 -21.20
N VAL A 33 -0.74 -12.24 -21.35
CA VAL A 33 -1.59 -13.41 -21.27
C VAL A 33 -1.71 -13.81 -19.79
N VAL A 34 -2.93 -14.07 -19.34
CA VAL A 34 -3.18 -14.38 -17.92
C VAL A 34 -4.05 -15.62 -17.75
N ALA A 35 -4.01 -16.19 -16.55
CA ALA A 35 -4.92 -17.24 -16.14
C ALA A 35 -5.94 -16.60 -15.21
N LEU A 36 -7.23 -16.77 -15.54
CA LEU A 36 -8.30 -16.14 -14.78
C LEU A 36 -8.98 -17.24 -14.01
N LYS A 37 -8.98 -17.10 -12.69
CA LYS A 37 -9.70 -18.06 -11.86
C LYS A 37 -11.03 -17.43 -11.46
N LYS A 38 -12.11 -18.01 -11.96
CA LYS A 38 -13.45 -17.49 -11.70
C LYS A 38 -14.11 -18.23 -10.55
N ILE A 39 -14.66 -17.46 -9.63
CA ILE A 39 -15.34 -18.00 -8.45
C ILE A 39 -16.75 -17.44 -8.42
N ARG A 40 -17.75 -18.30 -8.61
CA ARG A 40 -19.15 -17.86 -8.49
C ARG A 40 -19.51 -17.82 -7.02
N LEU A 41 -20.08 -16.70 -6.57
CA LEU A 41 -20.41 -16.49 -5.17
C LEU A 41 -21.90 -16.82 -4.87
N THR A 43 -23.85 -14.67 -1.80
CA THR A 43 -25.08 -14.53 -1.01
C THR A 43 -25.89 -15.82 -0.95
N GLU A 44 -26.71 -15.95 0.11
CA GLU A 44 -27.60 -17.09 0.35
C GLU A 44 -26.89 -18.45 0.43
N THR A 45 -25.62 -18.46 0.00
CA THR A 45 -24.74 -19.60 0.21
C THR A 45 -24.05 -19.37 1.55
N GLU A 46 -22.73 -19.58 1.57
CA GLU A 46 -21.95 -19.30 2.76
C GLU A 46 -20.98 -18.14 2.58
N GLY A 47 -21.22 -17.31 1.56
CA GLY A 47 -20.35 -16.18 1.23
C GLY A 47 -19.02 -16.59 0.58
N VAL A 48 -17.96 -15.80 0.79
CA VAL A 48 -16.66 -16.12 0.16
C VAL A 48 -16.07 -17.45 0.74
N PRO A 49 -15.79 -18.43 -0.10
CA PRO A 49 -15.33 -19.73 0.41
C PRO A 49 -13.99 -19.64 1.13
N SER A 50 -13.81 -20.50 2.13
CA SER A 50 -12.58 -20.54 2.92
C SER A 50 -11.33 -20.80 2.05
N THR A 51 -11.49 -21.67 1.06
CA THR A 51 -10.43 -21.97 0.10
C THR A 51 -9.97 -20.69 -0.61
N ALA A 52 -10.91 -19.83 -1.02
CA ALA A 52 -10.54 -18.57 -1.68
C ALA A 52 -9.93 -17.56 -0.72
N ILE A 53 -10.48 -17.45 0.47
CA ILE A 53 -9.91 -16.57 1.47
C ILE A 53 -8.47 -16.96 1.79
N ARG A 54 -8.19 -18.27 1.84
CA ARG A 54 -6.84 -18.74 2.15
C ARG A 54 -5.90 -18.53 0.97
N GLU A 55 -6.32 -18.98 -0.22
CA GLU A 55 -5.48 -18.88 -1.42
C GLU A 55 -5.00 -17.44 -1.63
N ILE A 56 -5.94 -16.49 -1.52
CA ILE A 56 -5.65 -15.08 -1.77
C ILE A 56 -4.75 -14.47 -0.70
N SER A 57 -5.12 -14.58 0.59
CA SER A 57 -4.32 -13.97 1.63
C SER A 57 -2.91 -14.54 1.60
N LEU A 58 -2.80 -15.84 1.34
CA LEU A 58 -1.52 -16.50 1.38
C LEU A 58 -0.70 -16.24 0.11
N LEU A 59 -1.33 -16.26 -1.06
CA LEU A 59 -0.61 -15.94 -2.30
C LEU A 59 -0.15 -14.47 -2.39
N LYS A 60 -0.89 -13.55 -1.77
CA LYS A 60 -0.43 -12.16 -1.72
C LYS A 60 0.90 -12.03 -0.96
N GLU A 61 1.16 -12.91 0.01
CA GLU A 61 2.40 -12.89 0.78
C GLU A 61 3.57 -13.57 0.05
N LEU A 62 3.26 -14.53 -0.82
CA LEU A 62 4.27 -15.41 -1.40
C LEU A 62 4.64 -15.00 -2.80
N ASN A 63 5.55 -14.06 -2.91
CA ASN A 63 6.09 -13.63 -4.18
C ASN A 63 7.45 -14.32 -4.33
N HIS A 64 7.54 -15.26 -5.28
CA HIS A 64 8.72 -16.11 -5.45
C HIS A 64 8.69 -16.64 -6.89
N PRO A 65 9.85 -16.74 -7.55
CA PRO A 65 9.90 -17.24 -8.92
C PRO A 65 9.31 -18.65 -9.11
N ASN A 66 9.17 -19.48 -8.06
CA ASN A 66 8.67 -20.83 -8.26
C ASN A 66 7.30 -21.06 -7.61
N ILE A 67 6.58 -19.96 -7.44
CA ILE A 67 5.21 -19.94 -6.94
C ILE A 67 4.41 -19.09 -7.92
N VAL A 68 3.36 -19.66 -8.47
CA VAL A 68 2.48 -18.92 -9.33
C VAL A 68 2.11 -17.54 -8.76
N LYS A 69 2.30 -16.51 -9.57
CA LYS A 69 2.13 -15.14 -9.08
C LYS A 69 0.68 -14.71 -9.19
N LEU A 70 0.08 -14.30 -8.06
CA LEU A 70 -1.22 -13.64 -8.11
C LEU A 70 -1.05 -12.16 -8.42
N LEU A 71 -1.59 -11.74 -9.55
CA LEU A 71 -1.48 -10.35 -10.01
C LEU A 71 -2.53 -9.40 -9.48
N ASP A 72 -3.77 -9.86 -9.36
CA ASP A 72 -4.88 -8.98 -9.05
C ASP A 72 -6.05 -9.81 -8.57
N VAL A 73 -6.94 -9.17 -7.80
CA VAL A 73 -8.19 -9.75 -7.37
C VAL A 73 -9.35 -8.79 -7.76
N ILE A 74 -10.29 -9.29 -8.55
CA ILE A 74 -11.39 -8.48 -9.06
C ILE A 74 -12.70 -9.01 -8.53
N HIS A 75 -13.42 -8.13 -7.81
CA HIS A 75 -14.36 -8.53 -6.78
C HIS A 75 -15.66 -7.77 -6.90
N THR A 76 -16.57 -8.31 -7.71
CA THR A 76 -17.93 -7.77 -7.82
C THR A 76 -18.86 -8.40 -6.75
N GLU A 77 -20.17 -8.11 -6.81
CA GLU A 77 -21.13 -8.64 -5.83
C GLU A 77 -21.60 -10.06 -6.14
N ASN A 78 -21.26 -10.53 -7.35
CA ASN A 78 -21.68 -11.82 -7.88
C ASN A 78 -20.51 -12.77 -8.11
N LYS A 79 -19.41 -12.20 -8.60
CA LYS A 79 -18.25 -13.01 -8.99
C LYS A 79 -16.96 -12.47 -8.42
N LEU A 80 -16.06 -13.40 -8.12
CA LEU A 80 -14.71 -13.09 -7.75
C LEU A 80 -13.76 -13.71 -8.79
N TYR A 81 -12.85 -12.90 -9.31
CA TYR A 81 -11.87 -13.30 -10.31
C TYR A 81 -10.44 -13.06 -9.80
N LEU A 82 -9.63 -14.10 -9.82
CA LEU A 82 -8.23 -14.02 -9.46
C LEU A 82 -7.43 -14.00 -10.75
N VAL A 83 -6.55 -13.01 -10.87
CA VAL A 83 -5.73 -12.89 -12.06
C VAL A 83 -4.32 -13.38 -11.73
N PHE A 84 -3.89 -14.41 -12.44
CA PHE A 84 -2.59 -15.06 -12.23
C PHE A 84 -1.76 -14.95 -13.50
N GLU A 85 -0.43 -14.91 -13.34
CA GLU A 85 0.48 -15.09 -14.46
C GLU A 85 0.13 -16.44 -15.13
N PHE A 86 0.24 -16.49 -16.46
CA PHE A 86 -0.19 -17.66 -17.20
C PHE A 86 0.97 -18.60 -17.39
N LEU A 87 0.76 -19.87 -17.08
CA LEU A 87 1.79 -20.87 -17.37
C LEU A 87 1.32 -21.79 -18.50
N HIS A 88 2.26 -22.35 -19.25
CA HIS A 88 1.93 -23.01 -20.53
C HIS A 88 1.35 -24.43 -20.43
N GLN A 89 1.75 -25.17 -19.41
CA GLN A 89 1.16 -26.47 -19.20
C GLN A 89 1.50 -27.08 -17.84
N ASP A 90 0.92 -28.24 -17.51
CA ASP A 90 1.25 -28.92 -16.25
C ASP A 90 2.24 -30.07 -16.42
N LEU A 91 2.95 -30.40 -15.33
CA LEU A 91 3.90 -31.50 -15.32
C LEU A 91 3.31 -32.82 -15.77
N LYS A 92 2.09 -33.10 -15.33
CA LYS A 92 1.41 -34.32 -15.71
C LYS A 92 1.32 -34.42 -17.22
N LYS A 93 0.71 -33.43 -17.88
CA LYS A 93 0.68 -33.40 -19.35
C LYS A 93 2.06 -33.48 -20.02
N PHE A 94 3.04 -32.81 -19.46
CA PHE A 94 4.41 -32.90 -19.95
C PHE A 94 5.00 -34.31 -19.83
N MET A 95 4.80 -34.97 -18.70
CA MET A 95 5.28 -36.35 -18.53
C MET A 95 4.62 -37.33 -19.51
N ASP A 96 3.30 -37.18 -19.70
CA ASP A 96 2.59 -37.92 -20.73
C ASP A 96 3.25 -37.73 -22.11
N ALA A 97 3.56 -36.49 -22.46
CA ALA A 97 4.17 -36.14 -23.75
C ALA A 97 5.62 -36.62 -23.90
N SER A 98 6.30 -36.84 -22.78
CA SER A 98 7.67 -37.39 -22.81
C SER A 98 7.70 -38.92 -22.88
N ALA A 99 6.55 -39.50 -23.23
CA ALA A 99 6.35 -40.94 -23.33
C ALA A 99 7.56 -41.71 -23.85
N LEU A 100 8.19 -41.19 -24.90
CA LEU A 100 9.20 -41.92 -25.66
C LEU A 100 10.64 -41.49 -25.40
N THR A 101 10.83 -40.20 -25.15
CA THR A 101 12.13 -39.61 -24.87
C THR A 101 12.56 -39.89 -23.45
N GLY A 102 11.57 -39.98 -22.57
CA GLY A 102 11.82 -39.82 -21.15
C GLY A 102 12.17 -38.36 -20.89
N ILE A 103 12.32 -38.01 -19.62
CA ILE A 103 12.72 -36.65 -19.29
C ILE A 103 14.20 -36.69 -19.03
N PRO A 104 14.95 -35.82 -19.71
CA PRO A 104 16.39 -35.75 -19.50
C PRO A 104 16.70 -35.44 -18.03
N LEU A 105 17.69 -36.13 -17.48
CA LEU A 105 18.06 -35.95 -16.08
C LEU A 105 18.30 -34.47 -15.70
N PRO A 106 18.97 -33.68 -16.56
CA PRO A 106 19.19 -32.26 -16.25
C PRO A 106 17.89 -31.48 -16.02
N LEU A 107 16.83 -31.81 -16.76
CA LEU A 107 15.53 -31.17 -16.60
C LEU A 107 14.79 -31.65 -15.33
N ILE A 108 14.89 -32.94 -15.04
CA ILE A 108 14.37 -33.47 -13.78
C ILE A 108 14.98 -32.75 -12.57
N LYS A 109 16.31 -32.59 -12.63
CA LYS A 109 17.12 -32.05 -11.55
C LYS A 109 16.78 -30.58 -11.37
N SER A 110 16.68 -29.88 -12.49
CA SER A 110 16.29 -28.49 -12.49
C SER A 110 14.88 -28.30 -11.90
N TYR A 111 13.94 -29.15 -12.30
CA TYR A 111 12.55 -29.03 -11.83
C TYR A 111 12.49 -29.32 -10.35
N LEU A 112 13.13 -30.41 -9.93
CA LEU A 112 13.16 -30.69 -8.51
C LEU A 112 13.78 -29.52 -7.69
N PHE A 113 14.87 -28.97 -8.19
CA PHE A 113 15.60 -27.93 -7.49
C PHE A 113 14.70 -26.72 -7.32
N GLN A 114 13.98 -26.40 -8.39
CA GLN A 114 13.12 -25.25 -8.43
C GLN A 114 11.91 -25.46 -7.50
N LEU A 115 11.37 -26.68 -7.50
CA LEU A 115 10.22 -27.01 -6.66
C LEU A 115 10.60 -26.94 -5.20
N LEU A 116 11.81 -27.37 -4.88
CA LEU A 116 12.27 -27.28 -3.49
C LEU A 116 12.46 -25.83 -3.03
N GLN A 117 12.89 -24.95 -3.94
CA GLN A 117 13.00 -23.52 -3.62
C GLN A 117 11.63 -22.94 -3.34
N GLY A 118 10.66 -23.28 -4.20
CA GLY A 118 9.29 -22.81 -4.04
C GLY A 118 8.73 -23.23 -2.70
N LEU A 119 8.88 -24.51 -2.41
CA LEU A 119 8.41 -25.11 -1.17
C LEU A 119 9.14 -24.59 0.09
N ALA A 120 10.47 -24.42 0.01
CA ALA A 120 11.22 -23.87 1.16
C ALA A 120 10.68 -22.46 1.47
N PHE A 121 10.41 -21.69 0.43
CA PHE A 121 9.82 -20.37 0.58
C PHE A 121 8.43 -20.41 1.26
N CYS A 122 7.53 -21.32 0.85
CA CYS A 122 6.24 -21.53 1.55
C CYS A 122 6.43 -21.86 3.02
N HIS A 123 7.23 -22.88 3.28
CA HIS A 123 7.40 -23.36 4.63
C HIS A 123 8.07 -22.27 5.51
N SER A 124 9.08 -21.54 4.99
CA SER A 124 9.68 -20.42 5.76
C SER A 124 8.70 -19.25 6.03
N HIS A 125 7.57 -19.24 5.33
CA HIS A 125 6.52 -18.23 5.49
C HIS A 125 5.26 -18.87 6.08
N ARG A 126 5.48 -19.91 6.87
CA ARG A 126 4.46 -20.67 7.58
C ARG A 126 3.22 -21.06 6.76
N VAL A 127 3.45 -21.47 5.49
CA VAL A 127 2.36 -21.97 4.63
C VAL A 127 2.60 -23.45 4.26
N LEU A 128 1.62 -24.32 4.51
CA LEU A 128 1.63 -25.69 4.00
C LEU A 128 0.82 -25.73 2.72
N HIS A 129 1.27 -26.46 1.68
CA HIS A 129 0.55 -26.43 0.43
C HIS A 129 -0.56 -27.49 0.49
N ARG A 130 -0.15 -28.71 0.86
CA ARG A 130 -1.04 -29.83 1.10
C ARG A 130 -1.75 -30.43 -0.13
N ASP A 131 -1.37 -30.04 -1.33
CA ASP A 131 -1.89 -30.73 -2.52
C ASP A 131 -0.90 -30.84 -3.66
N LEU A 132 0.36 -31.15 -3.33
CA LEU A 132 1.35 -31.18 -4.39
C LEU A 132 1.07 -32.44 -5.22
N LYS A 133 1.01 -32.25 -6.54
CA LYS A 133 0.86 -33.33 -7.52
C LYS A 133 1.20 -32.75 -8.88
N PRO A 134 1.59 -33.60 -9.83
CA PRO A 134 2.00 -33.15 -11.16
C PRO A 134 1.02 -32.19 -11.84
N GLN A 135 -0.28 -32.39 -11.64
CA GLN A 135 -1.34 -31.51 -12.14
C GLN A 135 -1.28 -30.07 -11.59
N ASN A 136 -0.79 -29.89 -10.37
CA ASN A 136 -0.64 -28.54 -9.76
C ASN A 136 0.74 -27.86 -9.91
N LEU A 137 1.61 -28.48 -10.71
CA LEU A 137 2.96 -27.95 -10.93
C LEU A 137 3.07 -27.54 -12.38
N LEU A 138 3.30 -26.26 -12.62
CA LEU A 138 3.07 -25.70 -13.94
C LEU A 138 4.39 -25.23 -14.54
N ILE A 139 4.56 -25.46 -15.84
CA ILE A 139 5.82 -25.18 -16.51
C ILE A 139 5.64 -24.16 -17.62
N ASN A 140 6.69 -23.39 -17.90
CA ASN A 140 6.68 -22.52 -19.06
C ASN A 140 7.77 -22.92 -20.09
N THR A 141 7.79 -22.25 -21.25
CA THR A 141 8.76 -22.53 -22.31
C THR A 141 10.20 -22.15 -21.92
N GLU A 142 10.37 -21.35 -20.87
CA GLU A 142 11.71 -20.91 -20.50
C GLU A 142 12.40 -21.83 -19.49
N GLY A 143 11.74 -22.92 -19.11
CA GLY A 143 12.35 -23.90 -18.23
C GLY A 143 11.96 -23.77 -16.78
N ALA A 144 11.07 -22.83 -16.45
CA ALA A 144 10.60 -22.67 -15.07
C ALA A 144 9.53 -23.71 -14.72
N ILE A 145 9.47 -24.07 -13.44
CA ILE A 145 8.33 -24.80 -12.88
C ILE A 145 7.85 -24.09 -11.59
N LYS A 146 6.55 -24.10 -11.35
CA LYS A 146 5.99 -23.26 -10.29
C LYS A 146 4.87 -24.01 -9.58
N LEU A 147 4.82 -23.88 -8.25
CA LEU A 147 3.70 -24.43 -7.45
C LEU A 147 2.44 -23.62 -7.74
N ALA A 148 1.35 -24.33 -7.94
CA ALA A 148 0.08 -23.70 -8.25
C ALA A 148 -1.02 -24.38 -7.44
N ASP A 149 -2.23 -23.83 -7.58
CA ASP A 149 -3.43 -24.25 -6.82
C ASP A 149 -3.21 -24.33 -5.29
N PHE A 150 -3.25 -23.18 -4.64
CA PHE A 150 -3.11 -23.09 -3.21
C PHE A 150 -4.47 -23.14 -2.51
N GLY A 151 -5.46 -23.65 -3.22
CA GLY A 151 -6.80 -23.91 -2.70
C GLY A 151 -6.87 -24.80 -1.48
N LEU A 152 -5.88 -25.66 -1.28
CA LEU A 152 -5.86 -26.52 -0.11
C LEU A 152 -4.84 -26.11 0.94
N ALA A 153 -4.16 -24.98 0.71
CA ALA A 153 -3.05 -24.53 1.55
C ALA A 153 -3.57 -23.99 2.86
N ARG A 154 -2.70 -23.84 3.85
CA ARG A 154 -3.08 -23.07 5.01
C ARG A 154 -1.87 -22.53 5.78
N ALA A 155 -2.10 -21.48 6.57
CA ALA A 155 -1.07 -20.96 7.45
C ALA A 155 -0.96 -21.85 8.68
N PHE A 156 0.26 -22.17 9.09
CA PHE A 156 0.43 -23.02 10.27
C PHE A 156 1.11 -22.26 11.39
N GLY A 157 1.15 -22.89 12.56
CA GLY A 157 1.77 -22.27 13.72
C GLY A 157 2.96 -23.09 14.15
N VAL A 158 3.71 -22.51 15.06
CA VAL A 158 4.91 -23.14 15.59
C VAL A 158 4.71 -23.25 17.11
N PRO A 159 4.57 -24.47 17.64
CA PRO A 159 4.57 -25.68 16.84
C PRO A 159 3.14 -25.90 16.31
N VAL A 160 2.95 -26.86 15.43
CA VAL A 160 1.63 -27.04 14.83
C VAL A 160 0.59 -27.50 15.84
N ARG A 161 -0.67 -27.23 15.53
CA ARG A 161 -1.75 -27.94 16.19
C ARG A 161 -2.42 -28.81 15.12
N THR A 162 -3.51 -29.46 15.49
CA THR A 162 -4.26 -30.32 14.57
C THR A 162 -4.97 -29.56 13.44
N TYR A 163 -4.71 -29.97 12.20
CA TYR A 163 -5.35 -29.38 11.04
C TYR A 163 -6.19 -30.44 10.35
N TPO A 164 -6.79 -30.06 9.23
CA TPO A 164 -7.75 -30.88 8.52
CB TPO A 164 -8.23 -30.17 7.25
CG2 TPO A 164 -9.29 -31.02 6.52
OG1 TPO A 164 -8.85 -28.94 7.65
P TPO A 164 -8.20 -27.53 7.27
O1P TPO A 164 -9.06 -26.35 7.94
O2P TPO A 164 -6.74 -27.48 7.89
O3P TPO A 164 -8.09 -27.40 5.73
C TPO A 164 -7.09 -32.20 8.13
O TPO A 164 -5.99 -32.18 7.57
N HIS A 165 -7.76 -33.30 8.46
CA HIS A 165 -7.28 -34.64 8.18
C HIS A 165 -7.36 -35.03 6.71
N GLU A 166 -8.42 -34.60 6.04
CA GLU A 166 -8.70 -35.01 4.68
C GLU A 166 -7.86 -34.15 3.77
N VAL A 167 -6.57 -34.46 3.69
CA VAL A 167 -5.66 -33.62 2.94
C VAL A 167 -4.70 -34.41 2.05
N VAL A 168 -4.35 -33.82 0.90
CA VAL A 168 -3.40 -34.34 -0.07
C VAL A 168 -4.06 -35.45 -0.88
N THR A 169 -3.96 -35.36 -2.19
CA THR A 169 -4.45 -36.39 -3.10
C THR A 169 -3.77 -37.72 -2.72
N LEU A 170 -4.58 -38.77 -2.66
CA LEU A 170 -4.16 -40.05 -2.08
C LEU A 170 -2.79 -40.58 -2.55
N TRP A 171 -2.49 -40.53 -3.85
CA TRP A 171 -1.22 -41.07 -4.34
C TRP A 171 0.00 -40.33 -3.76
N TYR A 172 -0.22 -39.09 -3.31
CA TYR A 172 0.87 -38.20 -2.87
C TYR A 172 0.84 -37.99 -1.36
N ARG A 173 -0.04 -38.74 -0.70
CA ARG A 173 -0.31 -38.55 0.72
C ARG A 173 0.70 -39.27 1.63
N ALA A 174 1.22 -38.53 2.62
CA ALA A 174 2.23 -39.02 3.57
C ALA A 174 1.69 -40.08 4.52
N PRO A 175 2.55 -41.00 4.96
CA PRO A 175 2.11 -42.06 5.90
C PRO A 175 1.57 -41.53 7.22
N GLU A 176 2.08 -40.41 7.71
CA GLU A 176 1.61 -39.86 8.99
C GLU A 176 0.13 -39.42 8.89
N ILE A 177 -0.28 -38.97 7.72
CA ILE A 177 -1.69 -38.63 7.48
C ILE A 177 -2.51 -39.95 7.39
N LEU A 178 -2.07 -40.85 6.53
CA LEU A 178 -2.72 -42.16 6.41
C LEU A 178 -2.93 -42.85 7.76
N LEU A 179 -1.94 -42.73 8.66
CA LEU A 179 -2.00 -43.39 9.97
C LEU A 179 -2.68 -42.56 11.04
N GLY A 180 -3.20 -41.40 10.67
CA GLY A 180 -4.05 -40.61 11.55
C GLY A 180 -3.36 -39.80 12.61
N CYS A 181 -2.11 -39.38 12.38
CA CYS A 181 -1.38 -38.59 13.36
C CYS A 181 -2.15 -37.29 13.58
N LYS A 182 -2.20 -36.83 14.82
CA LYS A 182 -2.93 -35.62 15.15
C LYS A 182 -2.12 -34.36 14.81
N TYR A 183 -0.81 -34.55 14.60
CA TYR A 183 0.03 -33.48 14.16
C TYR A 183 0.68 -33.95 12.86
N TYR A 184 0.52 -33.16 11.83
CA TYR A 184 1.36 -33.27 10.65
C TYR A 184 1.89 -31.84 10.41
N SER A 185 3.02 -31.76 9.70
CA SER A 185 3.65 -30.48 9.40
C SER A 185 4.20 -30.40 7.99
N THR A 186 5.27 -29.60 7.81
CA THR A 186 5.84 -29.31 6.50
C THR A 186 6.30 -30.60 5.78
N ALA A 187 6.65 -31.62 6.57
CA ALA A 187 7.19 -32.86 6.04
C ALA A 187 6.16 -33.57 5.08
N VAL A 188 4.86 -33.29 5.24
CA VAL A 188 3.87 -33.83 4.28
C VAL A 188 4.09 -33.33 2.87
N ASP A 189 4.55 -32.09 2.71
CA ASP A 189 4.75 -31.56 1.36
C ASP A 189 6.03 -32.15 0.74
N ILE A 190 7.02 -32.44 1.58
CA ILE A 190 8.27 -33.09 1.12
C ILE A 190 7.98 -34.53 0.65
N TRP A 191 7.14 -35.26 1.39
CA TRP A 191 6.69 -36.60 0.96
C TRP A 191 6.12 -36.51 -0.44
N SER A 192 5.17 -35.60 -0.66
CA SER A 192 4.58 -35.44 -1.99
C SER A 192 5.66 -35.19 -3.06
N LEU A 193 6.57 -34.28 -2.75
CA LEU A 193 7.61 -33.94 -3.71
C LEU A 193 8.51 -35.16 -4.04
N GLY A 194 8.77 -35.99 -3.04
CA GLY A 194 9.55 -37.19 -3.22
C GLY A 194 8.85 -38.18 -4.17
N CYS A 195 7.54 -38.35 -4.00
CA CYS A 195 6.74 -39.17 -4.92
C CYS A 195 6.81 -38.60 -6.32
N ILE A 196 6.80 -37.28 -6.41
CA ILE A 196 6.88 -36.63 -7.70
C ILE A 196 8.24 -36.77 -8.38
N PHE A 197 9.32 -36.67 -7.59
CA PHE A 197 10.68 -36.93 -8.07
C PHE A 197 10.73 -38.34 -8.70
N ALA A 198 10.27 -39.35 -7.97
CA ALA A 198 10.28 -40.72 -8.47
C ALA A 198 9.50 -40.83 -9.76
N GLU A 199 8.37 -40.12 -9.82
CA GLU A 199 7.46 -40.12 -10.95
C GLU A 199 8.04 -39.49 -12.18
N MET A 200 8.81 -38.43 -12.01
CA MET A 200 9.47 -37.77 -13.15
C MET A 200 10.50 -38.71 -13.76
N VAL A 201 11.11 -39.53 -12.93
CA VAL A 201 12.12 -40.50 -13.35
C VAL A 201 11.46 -41.66 -14.11
N THR A 202 10.53 -42.36 -13.45
CA THR A 202 9.84 -43.51 -14.07
C THR A 202 8.67 -43.15 -14.99
N ARG A 203 8.18 -41.93 -14.88
CA ARG A 203 6.98 -41.47 -15.61
C ARG A 203 5.70 -42.22 -15.24
N ARG A 204 5.68 -42.81 -14.06
CA ARG A 204 4.46 -43.34 -13.47
C ARG A 204 4.46 -43.17 -11.96
N ALA A 205 3.26 -43.12 -11.39
CA ALA A 205 3.10 -42.83 -9.99
C ALA A 205 3.81 -43.87 -9.16
N LEU A 206 4.48 -43.42 -8.09
CA LEU A 206 5.24 -44.33 -7.28
C LEU A 206 4.30 -45.24 -6.43
N PHE A 207 3.20 -44.67 -5.97
CA PHE A 207 2.29 -45.37 -5.07
C PHE A 207 0.84 -45.11 -5.52
N PRO A 208 0.36 -45.70 -6.62
CA PRO A 208 -1.01 -45.45 -7.09
C PRO A 208 -2.08 -46.26 -6.37
N GLY A 209 -2.31 -46.00 -5.08
CA GLY A 209 -3.29 -46.78 -4.35
C GLY A 209 -4.71 -46.42 -4.77
N ASP A 210 -5.67 -47.32 -4.55
CA ASP A 210 -7.06 -46.95 -4.81
C ASP A 210 -7.93 -46.85 -3.56
N SER A 211 -7.32 -46.95 -2.38
CA SER A 211 -8.00 -46.70 -1.11
C SER A 211 -6.90 -46.43 -0.09
N GLU A 212 -7.27 -46.01 1.12
CA GLU A 212 -6.26 -45.64 2.10
C GLU A 212 -5.38 -46.80 2.56
N ILE A 213 -5.98 -47.98 2.77
CA ILE A 213 -5.20 -49.16 3.12
C ILE A 213 -4.31 -49.68 1.98
N ASP A 214 -4.84 -49.67 0.77
CA ASP A 214 -4.09 -49.96 -0.42
C ASP A 214 -2.86 -49.02 -0.48
N GLN A 215 -3.08 -47.73 -0.20
CA GLN A 215 -2.05 -46.72 -0.31
C GLN A 215 -0.95 -47.05 0.71
N LEU A 216 -1.33 -47.31 1.95
CA LEU A 216 -0.38 -47.72 2.99
C LEU A 216 0.39 -48.99 2.64
N PHE A 217 -0.33 -50.00 2.15
CA PHE A 217 0.35 -51.28 1.82
C PHE A 217 1.32 -51.11 0.67
N ARG A 218 0.95 -50.33 -0.35
CA ARG A 218 1.92 -49.99 -1.40
C ARG A 218 3.17 -49.32 -0.86
N ILE A 219 3.00 -48.36 0.04
CA ILE A 219 4.16 -47.69 0.62
C ILE A 219 4.97 -48.71 1.43
N PHE A 220 4.31 -49.47 2.31
CA PHE A 220 4.98 -50.54 3.09
C PHE A 220 5.76 -51.54 2.23
N ARG A 221 5.20 -51.99 1.11
CA ARG A 221 5.92 -52.97 0.26
C ARG A 221 7.12 -52.40 -0.41
N THR A 222 7.23 -51.07 -0.44
CA THR A 222 8.36 -50.44 -1.09
C THR A 222 9.45 -50.05 -0.09
N LEU A 223 9.05 -49.45 1.04
CA LEU A 223 9.99 -48.91 1.99
C LEU A 223 10.15 -49.77 3.23
N GLY A 224 9.38 -50.86 3.31
CA GLY A 224 9.34 -51.73 4.46
C GLY A 224 8.21 -51.27 5.32
N THR A 225 7.57 -52.21 6.02
CA THR A 225 6.58 -51.86 7.05
C THR A 225 7.32 -51.23 8.23
N PRO A 226 6.95 -50.01 8.62
CA PRO A 226 7.68 -49.32 9.69
C PRO A 226 7.44 -50.00 11.06
N ASP A 227 8.48 -50.11 11.89
CA ASP A 227 8.30 -50.44 13.31
C ASP A 227 8.87 -49.32 14.23
N GLU A 228 9.04 -49.64 15.51
CA GLU A 228 9.48 -48.67 16.50
C GLU A 228 10.94 -48.30 16.31
N VAL A 229 11.73 -49.20 15.71
CA VAL A 229 13.10 -48.87 15.35
C VAL A 229 13.19 -47.74 14.30
N VAL A 230 12.59 -47.96 13.13
CA VAL A 230 12.63 -46.95 12.06
C VAL A 230 11.84 -45.65 12.37
N TRP A 231 10.74 -45.78 13.11
CA TRP A 231 9.83 -44.67 13.33
C TRP A 231 9.27 -44.77 14.73
N PRO A 232 10.03 -44.26 15.72
CA PRO A 232 9.56 -44.27 17.11
C PRO A 232 8.17 -43.67 17.22
N GLY A 233 7.27 -44.34 17.96
CA GLY A 233 5.88 -43.94 18.05
C GLY A 233 4.88 -44.55 17.06
N VAL A 234 5.32 -45.12 15.92
CA VAL A 234 4.35 -45.58 14.89
C VAL A 234 3.27 -46.49 15.42
N THR A 235 3.63 -47.42 16.31
CA THR A 235 2.71 -48.46 16.73
C THR A 235 1.63 -47.93 17.66
N SER A 236 1.82 -46.69 18.13
CA SER A 236 0.86 -45.98 18.96
C SER A 236 -0.09 -45.11 18.13
N MET A 237 0.22 -44.94 16.84
CA MET A 237 -0.62 -44.11 15.95
C MET A 237 -2.06 -44.62 15.84
N PRO A 238 -3.04 -43.71 15.79
CA PRO A 238 -4.46 -44.08 15.79
C PRO A 238 -4.84 -45.21 14.83
N ASP A 239 -4.33 -45.19 13.60
CA ASP A 239 -4.76 -46.16 12.59
C ASP A 239 -3.71 -47.21 12.24
N TYR A 240 -2.70 -47.32 13.10
CA TYR A 240 -1.77 -48.44 13.00
C TYR A 240 -2.52 -49.69 13.45
N LYS A 241 -2.28 -50.81 12.75
CA LYS A 241 -2.83 -52.08 13.21
C LYS A 241 -1.69 -53.11 13.36
N PRO A 242 -1.65 -53.82 14.49
CA PRO A 242 -0.63 -54.84 14.69
C PRO A 242 -0.74 -55.95 13.64
N SER A 243 -1.92 -56.10 13.02
CA SER A 243 -2.15 -57.04 11.94
C SER A 243 -1.50 -56.67 10.57
N PHE A 244 -1.00 -55.45 10.43
CA PHE A 244 -0.33 -55.03 9.19
C PHE A 244 0.70 -56.07 8.77
N PRO A 245 0.71 -56.47 7.50
CA PRO A 245 1.78 -57.36 7.00
C PRO A 245 3.14 -56.70 7.17
N LYS A 246 4.16 -57.51 7.43
CA LYS A 246 5.47 -56.98 7.75
C LYS A 246 6.41 -57.13 6.57
N TRP A 247 6.39 -56.20 5.63
CA TRP A 247 7.23 -56.34 4.45
C TRP A 247 8.65 -55.85 4.69
N ALA A 248 9.60 -56.50 4.02
CA ALA A 248 11.00 -56.09 4.03
C ALA A 248 11.20 -54.88 3.11
N ARG A 249 12.13 -54.01 3.49
CA ARG A 249 12.39 -52.80 2.73
C ARG A 249 13.12 -53.13 1.44
N GLN A 250 12.71 -52.52 0.33
CA GLN A 250 13.39 -52.74 -0.95
C GLN A 250 14.63 -51.86 -1.02
N ASP A 251 15.69 -52.36 -1.63
CA ASP A 251 16.83 -51.51 -1.96
C ASP A 251 16.38 -50.49 -3.04
N PHE A 252 16.74 -49.22 -2.85
CA PHE A 252 16.26 -48.09 -3.67
C PHE A 252 16.74 -48.08 -5.10
N SER A 253 17.84 -48.78 -5.34
CA SER A 253 18.30 -48.88 -6.69
C SER A 253 17.27 -49.66 -7.48
N LYS A 254 16.38 -50.36 -6.78
CA LYS A 254 15.29 -51.09 -7.44
C LYS A 254 14.02 -50.25 -7.47
N VAL A 255 13.87 -49.31 -6.55
CA VAL A 255 12.67 -48.46 -6.55
C VAL A 255 12.64 -47.53 -7.78
N VAL A 256 13.77 -46.92 -8.08
CA VAL A 256 13.86 -46.02 -9.24
C VAL A 256 15.17 -46.38 -9.97
N PRO A 257 15.16 -47.46 -10.76
CA PRO A 257 16.39 -47.96 -11.37
C PRO A 257 17.26 -46.94 -12.13
N PRO A 258 16.72 -46.00 -12.92
CA PRO A 258 17.60 -45.06 -13.63
C PRO A 258 18.37 -44.10 -12.70
N LEU A 259 17.98 -44.02 -11.43
CA LEU A 259 18.60 -43.05 -10.55
C LEU A 259 20.02 -43.45 -10.10
N ASP A 260 20.94 -42.50 -10.14
CA ASP A 260 22.29 -42.69 -9.64
C ASP A 260 22.34 -42.51 -8.11
N GLU A 261 23.51 -42.70 -7.52
CA GLU A 261 23.68 -42.69 -6.07
C GLU A 261 23.24 -41.41 -5.31
N ASP A 262 23.60 -40.24 -5.80
CA ASP A 262 23.15 -38.98 -5.16
C ASP A 262 21.60 -38.86 -5.26
N GLY A 263 21.03 -39.27 -6.38
CA GLY A 263 19.59 -39.22 -6.60
C GLY A 263 18.86 -40.07 -5.59
N ARG A 264 19.33 -41.31 -5.46
CA ARG A 264 18.68 -42.27 -4.57
C ARG A 264 18.80 -41.82 -3.15
N SER A 265 19.94 -41.22 -2.82
CA SER A 265 20.19 -40.72 -1.47
C SER A 265 19.19 -39.61 -1.13
N LEU A 266 19.00 -38.66 -2.05
CA LEU A 266 18.01 -37.59 -1.85
C LEU A 266 16.59 -38.14 -1.73
N LEU A 267 16.18 -38.95 -2.69
CA LEU A 267 14.84 -39.57 -2.63
C LEU A 267 14.59 -40.26 -1.30
N SER A 268 15.57 -41.02 -0.81
CA SER A 268 15.37 -41.77 0.42
C SER A 268 15.18 -40.83 1.64
N GLN A 269 15.79 -39.66 1.59
CA GLN A 269 15.64 -38.70 2.68
C GLN A 269 14.28 -37.97 2.61
N MET A 270 13.78 -37.78 1.40
CA MET A 270 12.43 -37.23 1.17
C MET A 270 11.29 -38.24 1.50
N LEU A 271 11.57 -39.54 1.47
CA LEU A 271 10.58 -40.58 1.79
C LEU A 271 10.88 -41.27 3.11
N HIS A 272 11.68 -40.64 3.96
CA HIS A 272 11.86 -41.11 5.33
C HIS A 272 10.50 -41.23 6.05
N TYR A 273 10.31 -42.31 6.81
CA TYR A 273 9.05 -42.48 7.53
C TYR A 273 8.81 -41.40 8.60
N ASP A 274 9.80 -41.20 9.47
CA ASP A 274 9.67 -40.32 10.60
C ASP A 274 9.67 -38.89 10.05
N PRO A 275 8.53 -38.19 10.13
CA PRO A 275 8.49 -36.80 9.67
C PRO A 275 9.64 -35.97 10.24
N ASN A 276 10.00 -36.21 11.50
CA ASN A 276 11.08 -35.47 12.14
C ASN A 276 12.44 -35.65 11.48
N LYS A 277 12.68 -36.82 10.89
CA LYS A 277 13.95 -37.09 10.23
C LYS A 277 13.89 -36.86 8.73
N ARG A 278 12.68 -36.84 8.15
CA ARG A 278 12.50 -36.49 6.73
C ARG A 278 13.16 -35.15 6.43
N ILE A 279 13.87 -35.06 5.32
CA ILE A 279 14.63 -33.84 5.01
C ILE A 279 13.68 -32.65 4.73
N SER A 280 14.12 -31.45 5.09
CA SER A 280 13.38 -30.22 4.77
C SER A 280 13.78 -29.75 3.39
N ALA A 281 12.92 -28.93 2.77
CA ALA A 281 13.20 -28.34 1.47
C ALA A 281 14.48 -27.51 1.48
N LYS A 282 14.67 -26.74 2.54
CA LYS A 282 15.82 -25.89 2.73
C LYS A 282 17.12 -26.71 2.69
N ALA A 283 17.20 -27.73 3.55
CA ALA A 283 18.36 -28.60 3.62
C ALA A 283 18.58 -29.39 2.32
N ALA A 284 17.51 -29.73 1.63
CA ALA A 284 17.64 -30.49 0.38
C ALA A 284 18.32 -29.71 -0.74
N LEU A 285 18.16 -28.39 -0.75
CA LEU A 285 18.80 -27.57 -1.78
C LEU A 285 20.33 -27.71 -1.81
N ALA A 286 20.92 -28.11 -0.69
CA ALA A 286 22.38 -28.29 -0.63
C ALA A 286 22.78 -29.72 -0.86
N HIS A 287 21.83 -30.60 -1.23
CA HIS A 287 22.18 -31.99 -1.46
C HIS A 287 23.14 -32.14 -2.67
N PRO A 288 24.11 -33.05 -2.59
CA PRO A 288 25.02 -33.32 -3.73
C PRO A 288 24.33 -33.63 -5.07
N PHE A 289 23.11 -34.12 -5.03
CA PHE A 289 22.40 -34.35 -6.29
C PHE A 289 22.37 -33.08 -7.12
N PHE A 290 22.37 -31.92 -6.46
CA PHE A 290 22.22 -30.67 -7.20
C PHE A 290 23.53 -29.98 -7.61
N GLN A 291 24.69 -30.61 -7.40
CA GLN A 291 25.98 -29.91 -7.65
C GLN A 291 26.16 -29.39 -9.08
N ASP A 292 25.61 -30.09 -10.06
CA ASP A 292 25.73 -29.67 -11.45
C ASP A 292 24.42 -29.12 -12.04
N VAL A 293 23.54 -28.63 -11.17
CA VAL A 293 22.24 -28.21 -11.66
C VAL A 293 22.33 -27.00 -12.58
N THR A 294 21.64 -27.11 -13.71
CA THR A 294 21.45 -25.98 -14.61
C THR A 294 19.96 -25.76 -14.78
N LYS A 295 19.59 -24.97 -15.78
CA LYS A 295 18.20 -24.71 -16.06
C LYS A 295 17.87 -24.89 -17.53
N PRO A 296 17.76 -26.14 -17.98
CA PRO A 296 17.40 -26.41 -19.37
C PRO A 296 15.96 -25.97 -19.67
N VAL A 297 15.80 -25.34 -20.84
CA VAL A 297 14.50 -25.20 -21.44
C VAL A 297 13.97 -26.63 -21.65
N PRO A 298 12.65 -26.84 -21.55
CA PRO A 298 12.07 -28.16 -21.84
C PRO A 298 12.11 -28.45 -23.34
N HIS A 299 11.43 -29.50 -23.78
CA HIS A 299 11.33 -29.84 -25.21
C HIS A 299 9.87 -29.82 -25.71
N LEU A 300 9.23 -28.65 -25.60
CA LEU A 300 7.83 -28.45 -25.97
C LEU A 300 7.59 -28.64 -27.47
N VAL B 3 8.47 -27.86 14.21
CA VAL B 3 9.58 -28.48 13.42
C VAL B 3 10.76 -27.51 13.19
N PRO B 4 11.60 -27.32 14.23
CA PRO B 4 12.67 -26.29 14.26
C PRO B 4 13.57 -26.00 13.04
N ASP B 5 13.36 -26.64 11.89
CA ASP B 5 13.99 -26.23 10.63
C ASP B 5 13.65 -24.80 10.18
N TYR B 6 12.42 -24.37 10.47
CA TYR B 6 11.96 -23.04 10.04
C TYR B 6 11.51 -22.16 11.20
N HIS B 7 11.70 -22.59 12.44
CA HIS B 7 11.22 -21.85 13.60
C HIS B 7 11.74 -20.40 13.54
N GLU B 8 13.03 -20.25 13.26
CA GLU B 8 13.67 -18.95 13.15
C GLU B 8 13.17 -18.12 11.97
N ASP B 9 13.14 -18.70 10.77
CA ASP B 9 12.57 -18.02 9.58
C ASP B 9 11.15 -17.54 9.87
N ILE B 10 10.35 -18.40 10.50
CA ILE B 10 8.94 -18.08 10.73
C ILE B 10 8.80 -16.93 11.75
N HIS B 11 9.53 -17.00 12.86
CA HIS B 11 9.51 -15.94 13.87
C HIS B 11 9.96 -14.61 13.27
N THR B 12 11.10 -14.60 12.57
CA THR B 12 11.53 -13.40 11.85
C THR B 12 10.47 -12.83 10.93
N TYR B 13 9.80 -13.70 10.20
CA TYR B 13 8.80 -13.23 9.26
C TYR B 13 7.56 -12.67 9.98
N LEU B 14 7.18 -13.32 11.06
CA LEU B 14 6.05 -12.85 11.86
C LEU B 14 6.40 -11.50 12.48
N ARG B 15 7.66 -11.30 12.88
CA ARG B 15 8.12 -10.00 13.39
C ARG B 15 8.01 -8.86 12.36
N GLU B 16 8.30 -9.18 11.09
CA GLU B 16 8.09 -8.25 9.99
C GLU B 16 6.58 -7.94 9.76
N MET B 17 5.76 -8.99 9.71
CA MET B 17 4.34 -8.86 9.39
C MET B 17 3.51 -8.18 10.50
N GLU B 18 3.91 -8.33 11.75
CA GLU B 18 3.12 -7.69 12.81
C GLU B 18 3.18 -6.16 12.72
N VAL B 19 4.31 -5.63 12.27
CA VAL B 19 4.40 -4.18 12.01
C VAL B 19 3.41 -3.80 10.92
N LYS B 20 3.41 -4.58 9.84
CA LYS B 20 2.58 -4.25 8.67
C LYS B 20 1.11 -4.46 9.00
N CYS B 21 0.81 -5.38 9.92
CA CYS B 21 -0.59 -5.70 10.23
C CYS B 21 -1.12 -4.92 11.42
N LYS B 22 -0.33 -3.99 11.93
CA LYS B 22 -0.71 -3.25 13.15
C LYS B 22 -1.84 -2.28 12.82
N PRO B 23 -2.92 -2.32 13.61
CA PRO B 23 -3.94 -1.27 13.53
C PRO B 23 -3.37 0.08 13.96
N LYS B 24 -4.10 1.15 13.67
CA LYS B 24 -3.65 2.49 13.97
C LYS B 24 -3.91 2.80 15.46
N VAL B 25 -2.84 3.11 16.20
CA VAL B 25 -2.91 3.22 17.65
C VAL B 25 -4.00 4.17 18.14
N GLY B 26 -4.12 5.35 17.53
CA GLY B 26 -5.12 6.29 18.01
C GLY B 26 -6.46 6.36 17.30
N TYR B 27 -6.94 5.26 16.73
CA TYR B 27 -8.14 5.30 15.88
C TYR B 27 -9.44 5.65 16.60
N MET B 28 -9.55 5.25 17.87
CA MET B 28 -10.81 5.39 18.59
C MET B 28 -11.17 6.86 18.76
N LYS B 29 -10.16 7.66 19.10
CA LYS B 29 -10.22 9.12 19.15
C LYS B 29 -10.88 9.72 17.92
N LYS B 30 -10.71 9.05 16.77
CA LYS B 30 -11.21 9.53 15.49
C LYS B 30 -12.56 8.93 15.12
N GLN B 31 -13.10 8.05 15.95
CA GLN B 31 -14.44 7.48 15.72
C GLN B 31 -15.54 8.31 16.39
N PRO B 32 -16.47 8.85 15.60
CA PRO B 32 -17.51 9.75 16.13
C PRO B 32 -18.46 9.05 17.10
N ASP B 33 -18.89 7.86 16.74
CA ASP B 33 -19.94 7.21 17.48
C ASP B 33 -19.54 6.09 18.46
N ILE B 34 -18.34 5.51 18.30
CA ILE B 34 -17.95 4.41 19.18
C ILE B 34 -16.76 4.73 20.07
N THR B 35 -16.70 4.03 21.20
CA THR B 35 -15.70 4.25 22.21
C THR B 35 -14.95 2.96 22.55
N ASN B 36 -13.88 3.09 23.33
CA ASN B 36 -13.12 1.97 23.89
C ASN B 36 -14.02 0.99 24.62
N SER B 37 -14.95 1.51 25.41
CA SER B 37 -15.82 0.66 26.21
C SER B 37 -16.81 -0.12 25.35
N MET B 38 -17.29 0.48 24.26
CA MET B 38 -18.14 -0.26 23.33
C MET B 38 -17.36 -1.41 22.65
N ARG B 39 -16.10 -1.16 22.31
CA ARG B 39 -15.24 -2.18 21.71
C ARG B 39 -15.00 -3.31 22.72
N ALA B 40 -14.82 -2.96 24.00
CA ALA B 40 -14.64 -3.97 25.04
C ALA B 40 -15.84 -4.88 25.14
N ILE B 41 -17.03 -4.28 25.00
CA ILE B 41 -18.27 -5.05 25.04
C ILE B 41 -18.32 -6.05 23.87
N LEU B 42 -18.02 -5.57 22.67
CA LEU B 42 -17.95 -6.44 21.52
C LEU B 42 -16.93 -7.57 21.70
N VAL B 43 -15.70 -7.24 22.06
CA VAL B 43 -14.66 -8.30 22.22
C VAL B 43 -15.13 -9.33 23.25
N ASP B 44 -15.72 -8.86 24.34
CA ASP B 44 -16.18 -9.79 25.36
C ASP B 44 -17.26 -10.74 24.82
N TRP B 45 -18.13 -10.21 23.97
CA TRP B 45 -19.14 -11.04 23.32
C TRP B 45 -18.53 -12.08 22.36
N LEU B 46 -17.56 -11.65 21.56
CA LEU B 46 -16.81 -12.60 20.71
C LEU B 46 -16.14 -13.73 21.52
N VAL B 47 -15.60 -13.40 22.69
CA VAL B 47 -15.09 -14.44 23.57
C VAL B 47 -16.19 -15.49 23.85
N GLU B 48 -17.38 -15.02 24.21
CA GLU B 48 -18.54 -15.92 24.41
C GLU B 48 -18.86 -16.71 23.18
N VAL B 49 -18.87 -16.06 22.01
CA VAL B 49 -19.18 -16.76 20.75
C VAL B 49 -18.17 -17.88 20.56
N GLY B 50 -16.88 -17.56 20.75
CA GLY B 50 -15.82 -18.54 20.64
C GLY B 50 -15.99 -19.75 21.54
N GLU B 51 -16.49 -19.51 22.75
CA GLU B 51 -16.80 -20.58 23.71
C GLU B 51 -17.97 -21.47 23.31
N GLU B 52 -19.06 -20.83 22.89
CA GLU B 52 -20.30 -21.46 22.47
C GLU B 52 -20.09 -22.42 21.33
N TYR B 53 -19.32 -21.97 20.34
CA TYR B 53 -19.01 -22.78 19.16
C TYR B 53 -17.66 -23.50 19.22
N LYS B 54 -16.99 -23.47 20.38
CA LYS B 54 -15.72 -24.17 20.61
C LYS B 54 -14.69 -23.82 19.52
N LEU B 55 -14.47 -22.51 19.34
CA LEU B 55 -13.54 -22.01 18.33
C LEU B 55 -12.16 -22.00 18.91
N GLN B 56 -11.15 -22.05 18.06
CA GLN B 56 -9.77 -21.88 18.53
C GLN B 56 -9.58 -20.50 19.13
N ASN B 57 -8.66 -20.39 20.10
CA ASN B 57 -8.28 -19.06 20.61
C ASN B 57 -7.66 -18.20 19.49
N GLU B 58 -6.88 -18.82 18.62
CA GLU B 58 -6.30 -18.11 17.46
C GLU B 58 -7.40 -17.38 16.62
N THR B 59 -8.55 -18.01 16.49
CA THR B 59 -9.67 -17.42 15.72
C THR B 59 -10.18 -16.11 16.32
N LEU B 60 -10.32 -16.13 17.64
CA LEU B 60 -10.64 -14.94 18.42
C LEU B 60 -9.64 -13.82 18.24
N HIS B 61 -8.34 -14.15 18.37
CA HIS B 61 -7.27 -13.15 18.16
C HIS B 61 -7.28 -12.56 16.73
N LEU B 62 -7.53 -13.39 15.72
CA LEU B 62 -7.56 -12.93 14.32
C LEU B 62 -8.71 -11.96 14.10
N ALA B 63 -9.88 -12.33 14.62
CA ALA B 63 -11.09 -11.52 14.51
C ALA B 63 -10.90 -10.12 15.09
N VAL B 64 -10.30 -10.02 16.27
CA VAL B 64 -9.96 -8.74 16.88
C VAL B 64 -8.99 -7.92 15.99
N ASN B 65 -7.97 -8.59 15.45
CA ASN B 65 -7.06 -7.92 14.53
C ASN B 65 -7.84 -7.33 13.36
N TYR B 66 -8.76 -8.10 12.79
CA TYR B 66 -9.54 -7.65 11.64
C TYR B 66 -10.43 -6.44 12.03
N ILE B 67 -11.00 -6.50 13.22
CA ILE B 67 -11.88 -5.42 13.66
C ILE B 67 -11.10 -4.14 13.86
N ASP B 68 -9.96 -4.23 14.53
CA ASP B 68 -9.16 -3.04 14.83
C ASP B 68 -8.60 -2.39 13.56
N ARG B 69 -8.23 -3.23 12.59
CA ARG B 69 -7.74 -2.74 11.32
C ARG B 69 -8.86 -2.11 10.50
N PHE B 70 -10.03 -2.73 10.52
CA PHE B 70 -11.19 -2.22 9.79
C PHE B 70 -11.55 -0.82 10.34
N LEU B 71 -11.61 -0.70 11.67
CA LEU B 71 -12.01 0.52 12.34
C LEU B 71 -10.90 1.58 12.31
N SER B 72 -9.69 1.18 11.91
CA SER B 72 -8.58 2.12 11.76
C SER B 72 -8.83 3.10 10.59
N SER B 73 -9.68 2.70 9.65
CA SER B 73 -9.95 3.56 8.51
C SER B 73 -11.46 3.74 8.22
N MET B 74 -12.30 2.91 8.81
CA MET B 74 -13.73 2.96 8.53
C MET B 74 -14.52 3.39 9.74
N SER B 75 -15.23 4.52 9.60
CA SER B 75 -16.11 5.05 10.62
C SER B 75 -17.34 4.16 10.75
N VAL B 76 -17.70 3.82 11.98
CA VAL B 76 -18.82 2.92 12.21
C VAL B 76 -19.71 3.41 13.33
N LEU B 77 -21.01 3.42 13.07
CA LEU B 77 -22.03 3.78 14.04
C LEU B 77 -22.25 2.61 15.00
N ARG B 78 -22.57 2.92 16.25
CA ARG B 78 -22.65 1.90 17.31
C ARG B 78 -23.59 0.73 17.06
N GLY B 79 -24.68 0.97 16.33
CA GLY B 79 -25.62 -0.07 16.00
C GLY B 79 -25.11 -1.02 14.89
N LYS B 80 -23.93 -0.74 14.35
CA LYS B 80 -23.32 -1.53 13.27
C LYS B 80 -21.99 -2.19 13.66
N LEU B 81 -21.51 -1.90 14.87
CA LEU B 81 -20.27 -2.48 15.40
C LEU B 81 -20.34 -4.00 15.54
N GLN B 82 -21.49 -4.49 16.01
CA GLN B 82 -21.70 -5.93 16.11
C GLN B 82 -21.74 -6.60 14.74
N LEU B 83 -22.24 -5.88 13.74
CA LEU B 83 -22.20 -6.40 12.38
C LEU B 83 -20.75 -6.53 11.92
N VAL B 84 -19.96 -5.50 12.17
CA VAL B 84 -18.52 -5.55 11.84
C VAL B 84 -17.91 -6.79 12.52
N GLY B 85 -18.18 -6.95 13.82
CA GLY B 85 -17.62 -8.03 14.64
C GLY B 85 -18.01 -9.43 14.22
N THR B 86 -19.29 -9.59 13.89
CA THR B 86 -19.81 -10.83 13.36
C THR B 86 -19.16 -11.29 12.05
N ALA B 87 -19.03 -10.37 11.09
CA ALA B 87 -18.36 -10.65 9.81
C ALA B 87 -16.85 -10.97 10.02
N ALA B 88 -16.18 -10.21 10.89
CA ALA B 88 -14.79 -10.52 11.28
C ALA B 88 -14.63 -11.91 11.87
N MET B 89 -15.58 -12.34 12.71
CA MET B 89 -15.53 -13.68 13.32
C MET B 89 -15.76 -14.76 12.28
N LEU B 90 -16.70 -14.50 11.36
CA LEU B 90 -16.99 -15.40 10.25
C LEU B 90 -15.74 -15.56 9.37
N LEU B 91 -15.09 -14.44 9.04
CA LEU B 91 -13.82 -14.47 8.27
C LEU B 91 -12.73 -15.22 9.02
N ALA B 92 -12.53 -14.84 10.26
CA ALA B 92 -11.52 -15.52 11.06
C ALA B 92 -11.76 -17.02 11.13
N SER B 93 -13.04 -17.44 11.22
CA SER B 93 -13.37 -18.85 11.30
C SER B 93 -13.09 -19.60 9.99
N LYS B 94 -13.47 -18.99 8.86
CA LYS B 94 -13.16 -19.54 7.56
C LYS B 94 -11.65 -19.71 7.34
N PHE B 95 -10.86 -18.75 7.80
CA PHE B 95 -9.38 -18.80 7.61
C PHE B 95 -8.75 -19.92 8.47
N GLU B 96 -9.19 -19.97 9.71
CA GLU B 96 -8.50 -20.72 10.76
C GLU B 96 -9.08 -22.09 11.20
N GLU B 97 -10.40 -22.27 11.11
CA GLU B 97 -11.06 -23.46 11.66
C GLU B 97 -11.14 -24.61 10.64
N ILE B 98 -10.97 -25.83 11.12
CA ILE B 98 -11.27 -26.99 10.29
C ILE B 98 -12.76 -26.99 9.90
N TYR B 99 -13.63 -26.78 10.89
CA TYR B 99 -15.08 -26.74 10.65
C TYR B 99 -15.67 -25.40 11.13
N PRO B 100 -15.70 -24.36 10.31
CA PRO B 100 -16.22 -23.08 10.82
C PRO B 100 -17.74 -23.19 11.03
N PRO B 101 -18.35 -22.43 11.92
CA PRO B 101 -19.83 -22.42 11.95
C PRO B 101 -20.34 -21.87 10.62
N GLU B 102 -21.54 -22.31 10.22
CA GLU B 102 -22.13 -21.75 9.02
C GLU B 102 -22.69 -20.35 9.25
N VAL B 103 -22.94 -19.65 8.15
CA VAL B 103 -23.37 -18.25 8.15
C VAL B 103 -24.68 -18.10 8.95
N ALA B 104 -25.57 -19.10 8.83
CA ALA B 104 -26.83 -19.16 9.59
C ALA B 104 -26.60 -19.14 11.10
N GLU B 105 -25.59 -19.88 11.58
CA GLU B 105 -25.23 -19.83 12.99
C GLU B 105 -24.76 -18.42 13.42
N PHE B 106 -23.93 -17.78 12.59
CA PHE B 106 -23.53 -16.38 12.83
C PHE B 106 -24.72 -15.39 12.82
N VAL B 107 -25.68 -15.60 11.92
CA VAL B 107 -26.92 -14.81 11.92
C VAL B 107 -27.67 -15.00 13.24
N TYR B 108 -27.81 -16.26 13.65
CA TYR B 108 -28.56 -16.63 14.84
C TYR B 108 -28.02 -16.00 16.13
N ILE B 109 -26.69 -15.99 16.30
CA ILE B 109 -26.09 -15.44 17.53
C ILE B 109 -26.08 -13.92 17.65
N THR B 110 -26.40 -13.21 16.58
CA THR B 110 -26.71 -11.78 16.71
C THR B 110 -28.16 -11.58 17.18
N ASP B 111 -28.86 -12.69 17.46
CA ASP B 111 -30.27 -12.72 17.88
C ASP B 111 -31.19 -12.01 16.88
N ASP B 112 -30.94 -12.30 15.60
CA ASP B 112 -31.62 -11.66 14.47
C ASP B 112 -31.61 -10.11 14.49
N THR B 113 -30.56 -9.53 15.06
CA THR B 113 -30.30 -8.10 14.93
C THR B 113 -30.04 -7.73 13.46
N TYR B 114 -29.36 -8.63 12.74
CA TYR B 114 -29.01 -8.40 11.34
C TYR B 114 -29.47 -9.56 10.45
N THR B 115 -29.60 -9.33 9.14
CA THR B 115 -29.92 -10.43 8.22
C THR B 115 -28.68 -11.17 7.71
N LYS B 116 -28.92 -12.31 7.07
CA LYS B 116 -27.86 -13.05 6.38
C LYS B 116 -27.24 -12.19 5.27
N LYS B 117 -28.09 -11.44 4.58
CA LYS B 117 -27.62 -10.61 3.46
C LYS B 117 -26.69 -9.52 3.96
N GLN B 118 -26.99 -8.99 5.15
CA GLN B 118 -26.20 -7.93 5.77
C GLN B 118 -24.84 -8.50 6.19
N VAL B 119 -24.84 -9.71 6.74
CA VAL B 119 -23.59 -10.33 7.24
C VAL B 119 -22.64 -10.61 6.06
N LEU B 120 -23.21 -11.11 4.97
CA LEU B 120 -22.44 -11.43 3.77
C LEU B 120 -21.91 -10.20 3.06
N ARG B 121 -22.74 -9.17 2.97
CA ARG B 121 -22.30 -7.90 2.43
C ARG B 121 -21.23 -7.27 3.31
N MET B 122 -21.35 -7.39 4.63
CA MET B 122 -20.29 -6.89 5.49
C MET B 122 -18.99 -7.70 5.36
N GLU B 123 -19.12 -9.01 5.18
CA GLU B 123 -17.95 -9.86 4.96
C GLU B 123 -17.15 -9.32 3.76
N HIS B 124 -17.84 -9.15 2.64
CA HIS B 124 -17.28 -8.56 1.43
C HIS B 124 -16.65 -7.19 1.68
N LEU B 125 -17.32 -6.34 2.46
CA LEU B 125 -16.73 -5.05 2.79
C LEU B 125 -15.46 -5.18 3.64
N VAL B 126 -15.49 -6.03 4.66
CA VAL B 126 -14.29 -6.22 5.45
C VAL B 126 -13.13 -6.72 4.55
N LEU B 127 -13.38 -7.72 3.70
CA LEU B 127 -12.35 -8.20 2.77
C LEU B 127 -11.77 -7.06 1.90
N LYS B 128 -12.64 -6.19 1.37
CA LYS B 128 -12.17 -5.08 0.54
C LYS B 128 -11.27 -4.17 1.36
N VAL B 129 -11.73 -3.82 2.55
CA VAL B 129 -11.02 -2.85 3.36
C VAL B 129 -9.68 -3.40 3.82
N LEU B 130 -9.63 -4.70 4.11
CA LEU B 130 -8.35 -5.33 4.50
C LEU B 130 -7.55 -5.83 3.31
N THR B 131 -8.01 -5.52 2.10
CA THR B 131 -7.46 -6.06 0.85
C THR B 131 -7.10 -7.57 0.92
N PHE B 132 -8.02 -8.35 1.48
CA PHE B 132 -7.86 -9.80 1.63
C PHE B 132 -6.63 -10.21 2.44
N ASP B 133 -6.05 -9.30 3.20
CA ASP B 133 -4.84 -9.64 3.93
C ASP B 133 -5.19 -10.13 5.32
N LEU B 134 -5.51 -11.42 5.42
CA LEU B 134 -6.09 -12.00 6.66
C LEU B 134 -5.11 -12.85 7.48
N ALA B 135 -3.95 -13.15 6.91
CA ALA B 135 -2.97 -13.99 7.60
C ALA B 135 -2.11 -13.16 8.56
N ALA B 136 -2.75 -12.65 9.62
CA ALA B 136 -2.07 -11.74 10.53
C ALA B 136 -1.46 -12.48 11.73
N PRO B 137 -0.27 -12.06 12.16
CA PRO B 137 0.30 -12.53 13.42
C PRO B 137 -0.56 -12.09 14.60
N THR B 138 -0.55 -12.91 15.65
CA THR B 138 -1.35 -12.69 16.84
C THR B 138 -0.49 -12.96 18.05
N VAL B 139 -0.97 -12.44 19.17
CA VAL B 139 -0.38 -12.71 20.47
C VAL B 139 -0.22 -14.23 20.60
N ASN B 140 -1.29 -14.97 20.28
CA ASN B 140 -1.26 -16.43 20.32
C ASN B 140 -0.13 -17.08 19.52
N GLN B 141 0.09 -16.62 18.29
CA GLN B 141 1.18 -17.20 17.48
C GLN B 141 2.56 -17.00 18.09
N PHE B 142 2.78 -15.88 18.77
CA PHE B 142 4.07 -15.62 19.45
C PHE B 142 4.25 -16.44 20.73
N LEU B 143 3.18 -16.53 21.53
CA LEU B 143 3.21 -17.23 22.82
C LEU B 143 3.59 -18.69 22.62
N THR B 144 2.95 -19.27 21.63
CA THR B 144 3.13 -20.66 21.31
C THR B 144 4.60 -20.95 20.95
N GLN B 145 5.27 -20.02 20.26
CA GLN B 145 6.72 -20.12 20.10
C GLN B 145 7.49 -19.95 21.39
N TYR B 146 7.13 -18.96 22.21
CA TYR B 146 7.83 -18.71 23.46
C TYR B 146 7.75 -19.92 24.42
N PHE B 147 6.60 -20.62 24.38
CA PHE B 147 6.36 -21.81 25.23
C PHE B 147 7.42 -22.90 25.05
N LEU B 148 8.00 -23.00 23.87
CA LEU B 148 9.06 -23.96 23.59
C LEU B 148 10.34 -23.72 24.41
N HIS B 149 10.45 -22.55 25.03
CA HIS B 149 11.65 -22.22 25.80
C HIS B 149 11.53 -22.56 27.28
N GLN B 150 10.39 -23.12 27.71
CA GLN B 150 10.21 -23.54 29.10
C GLN B 150 11.05 -24.77 29.41
N GLN B 151 11.64 -24.79 30.61
CA GLN B 151 12.44 -25.91 31.12
C GLN B 151 11.98 -26.24 32.55
N PRO B 152 11.09 -27.22 32.72
CA PRO B 152 10.42 -27.92 31.62
C PRO B 152 9.07 -27.23 31.35
N ALA B 153 8.28 -27.76 30.43
CA ALA B 153 6.98 -27.18 30.12
C ALA B 153 6.08 -27.22 31.35
N ASN B 154 5.28 -26.18 31.52
CA ASN B 154 4.34 -26.09 32.61
C ASN B 154 2.98 -25.70 32.06
N CYS B 155 2.01 -26.60 32.20
CA CYS B 155 0.69 -26.40 31.61
C CYS B 155 -0.03 -25.17 32.15
N LYS B 156 0.17 -24.89 33.44
CA LYS B 156 -0.39 -23.69 34.07
C LYS B 156 0.29 -22.41 33.59
N VAL B 157 1.60 -22.47 33.35
CA VAL B 157 2.31 -21.31 32.77
C VAL B 157 1.65 -20.98 31.42
N GLU B 158 1.44 -22.01 30.61
CA GLU B 158 0.90 -21.86 29.25
C GLU B 158 -0.51 -21.26 29.28
N SER B 159 -1.43 -21.90 30.00
CA SER B 159 -2.79 -21.42 30.11
C SER B 159 -2.89 -20.01 30.71
N LEU B 160 -2.07 -19.73 31.72
CA LEU B 160 -2.12 -18.42 32.34
C LEU B 160 -1.59 -17.34 31.36
N ALA B 161 -0.59 -17.70 30.56
CA ALA B 161 -0.04 -16.74 29.57
C ALA B 161 -1.11 -16.45 28.51
N MET B 162 -1.82 -17.49 28.08
CA MET B 162 -2.94 -17.34 27.15
C MET B 162 -4.07 -16.47 27.70
N PHE B 163 -4.44 -16.73 28.96
CA PHE B 163 -5.45 -15.95 29.68
C PHE B 163 -5.08 -14.47 29.67
N LEU B 164 -3.84 -14.18 30.01
CA LEU B 164 -3.37 -12.78 30.09
C LEU B 164 -3.33 -12.09 28.72
N GLY B 165 -2.93 -12.84 27.68
CA GLY B 165 -2.85 -12.29 26.32
C GLY B 165 -4.25 -11.96 25.86
N GLU B 166 -5.20 -12.83 26.20
CA GLU B 166 -6.60 -12.65 25.89
C GLU B 166 -7.23 -11.38 26.54
N LEU B 167 -6.92 -11.15 27.81
CA LEU B 167 -7.38 -9.95 28.50
C LEU B 167 -6.93 -8.71 27.77
N SER B 168 -5.75 -8.77 27.15
CA SER B 168 -5.22 -7.60 26.45
C SER B 168 -6.11 -7.25 25.28
N LEU B 169 -6.80 -8.24 24.72
CA LEU B 169 -7.72 -7.98 23.60
C LEU B 169 -8.86 -7.00 24.00
N ILE B 170 -9.27 -7.03 25.26
CA ILE B 170 -10.50 -6.31 25.67
C ILE B 170 -10.33 -4.80 25.65
N ASP B 171 -9.14 -4.34 26.03
CA ASP B 171 -8.90 -2.93 26.36
C ASP B 171 -7.96 -2.23 25.35
N ALA B 172 -8.52 -1.50 24.38
CA ALA B 172 -7.73 -0.86 23.34
C ALA B 172 -6.73 0.15 23.93
N ASP B 173 -7.16 0.85 24.96
CA ASP B 173 -6.24 1.63 25.78
C ASP B 173 -5.96 0.78 27.01
N PRO B 174 -4.70 0.38 27.23
CA PRO B 174 -3.56 0.78 26.41
C PRO B 174 -3.06 -0.21 25.31
N TYR B 175 -3.67 -1.38 25.14
CA TYR B 175 -2.98 -2.48 24.43
C TYR B 175 -2.81 -2.32 22.92
N LEU B 176 -3.56 -1.40 22.32
CA LEU B 176 -3.34 -1.07 20.92
C LEU B 176 -1.96 -0.51 20.64
N LYS B 177 -1.28 0.06 21.64
CA LYS B 177 0.04 0.61 21.39
C LYS B 177 1.16 -0.44 21.41
N TYR B 178 0.84 -1.65 21.85
CA TYR B 178 1.84 -2.70 21.91
C TYR B 178 1.66 -3.74 20.79
N LEU B 179 2.78 -4.15 20.21
CA LEU B 179 2.80 -5.20 19.18
C LEU B 179 2.52 -6.60 19.77
N PRO B 180 1.87 -7.48 18.99
CA PRO B 180 1.58 -8.84 19.45
C PRO B 180 2.79 -9.54 20.10
N SER B 181 4.00 -9.39 19.55
CA SER B 181 5.17 -10.07 20.13
C SER B 181 5.54 -9.57 21.53
N VAL B 182 5.33 -8.28 21.76
CA VAL B 182 5.59 -7.62 23.06
C VAL B 182 4.55 -8.02 24.11
N ILE B 183 3.25 -7.93 23.79
CA ILE B 183 2.20 -8.43 24.71
C ILE B 183 2.45 -9.90 25.08
N ALA B 184 2.79 -10.73 24.09
CA ALA B 184 3.12 -12.12 24.39
C ALA B 184 4.31 -12.27 25.33
N GLY B 185 5.37 -11.47 25.13
CA GLY B 185 6.50 -11.56 26.02
C GLY B 185 6.15 -11.17 27.46
N ALA B 186 5.42 -10.08 27.61
CA ALA B 186 4.91 -9.63 28.92
C ALA B 186 4.00 -10.68 29.59
N ALA B 187 3.03 -11.20 28.84
CA ALA B 187 2.17 -12.28 29.35
C ALA B 187 2.92 -13.56 29.71
N PHE B 188 3.93 -13.93 28.92
CA PHE B 188 4.71 -15.13 29.24
C PHE B 188 5.52 -14.93 30.52
N HIS B 189 6.21 -13.80 30.60
CA HIS B 189 6.97 -13.48 31.81
C HIS B 189 6.05 -13.39 33.02
N LEU B 190 4.96 -12.66 32.89
CA LEU B 190 4.00 -12.56 33.97
C LEU B 190 3.48 -13.94 34.46
N ALA B 191 3.15 -14.83 33.53
CA ALA B 191 2.64 -16.18 33.81
C ALA B 191 3.68 -17.00 34.54
N LEU B 192 4.89 -16.97 34.01
CA LEU B 192 5.98 -17.74 34.50
C LEU B 192 6.36 -17.31 35.93
N TYR B 193 6.45 -15.99 36.11
CA TYR B 193 6.75 -15.43 37.42
C TYR B 193 5.65 -15.78 38.43
N THR B 194 4.39 -15.64 38.01
CA THR B 194 3.24 -15.94 38.87
C THR B 194 3.29 -17.38 39.38
N VAL B 195 3.47 -18.31 38.46
CA VAL B 195 3.38 -19.72 38.79
C VAL B 195 4.64 -20.22 39.46
N THR B 196 5.79 -19.98 38.82
CA THR B 196 7.03 -20.63 39.25
C THR B 196 8.07 -19.75 39.93
N GLY B 197 7.88 -18.42 39.91
CA GLY B 197 8.85 -17.45 40.40
C GLY B 197 9.99 -17.14 39.43
N GLN B 198 10.00 -17.83 38.29
CA GLN B 198 11.07 -17.70 37.30
C GLN B 198 10.84 -16.47 36.43
N SER B 199 11.84 -16.15 35.61
CA SER B 199 11.84 -14.92 34.83
C SER B 199 12.00 -15.19 33.34
N TRP B 200 11.61 -14.22 32.51
CA TRP B 200 11.91 -14.17 31.09
C TRP B 200 13.29 -14.78 30.82
N PRO B 201 13.35 -15.93 30.15
CA PRO B 201 14.60 -16.66 29.96
C PRO B 201 15.57 -15.96 28.99
N GLU B 202 16.84 -16.05 29.32
CA GLU B 202 17.95 -15.68 28.43
C GLU B 202 17.82 -16.20 26.98
N SER B 203 17.36 -17.44 26.81
CA SER B 203 17.15 -17.97 25.46
C SER B 203 16.13 -17.15 24.62
N LEU B 204 15.14 -16.53 25.29
CA LEU B 204 14.18 -15.68 24.60
C LEU B 204 14.69 -14.24 24.37
N ILE B 205 15.68 -13.82 25.15
CA ILE B 205 16.38 -12.57 24.86
C ILE B 205 17.17 -12.74 23.55
N ARG B 206 17.86 -13.88 23.40
CA ARG B 206 18.58 -14.14 22.14
C ARG B 206 17.64 -14.21 20.94
N LYS B 207 16.51 -14.90 21.11
CA LYS B 207 15.51 -15.06 20.05
C LYS B 207 14.82 -13.75 19.64
N THR B 208 14.29 -13.02 20.63
CA THR B 208 13.42 -11.85 20.36
C THR B 208 14.17 -10.54 20.41
N GLY B 209 15.28 -10.51 21.15
CA GLY B 209 15.99 -9.27 21.41
C GLY B 209 15.34 -8.40 22.49
N TYR B 210 14.19 -8.87 23.01
CA TYR B 210 13.52 -8.19 24.13
C TYR B 210 14.10 -8.56 25.49
N THR B 211 14.26 -7.56 26.35
CA THR B 211 14.67 -7.79 27.73
C THR B 211 13.50 -7.43 28.60
N LEU B 212 13.61 -7.76 29.88
CA LEU B 212 12.70 -7.29 30.89
C LEU B 212 12.55 -5.75 30.86
N GLU B 213 13.67 -5.05 30.63
CA GLU B 213 13.63 -3.59 30.48
C GLU B 213 12.74 -3.20 29.30
N SER B 214 12.94 -3.83 28.16
CA SER B 214 12.17 -3.37 27.00
C SER B 214 10.70 -3.77 27.13
N LEU B 215 10.44 -4.88 27.81
CA LEU B 215 9.09 -5.34 28.14
C LEU B 215 8.38 -4.53 29.25
N LYS B 216 9.17 -3.88 30.12
CA LYS B 216 8.59 -3.20 31.31
C LYS B 216 7.31 -2.38 31.06
N PRO B 217 7.29 -1.46 30.10
CA PRO B 217 6.06 -0.69 29.88
C PRO B 217 4.83 -1.60 29.73
N CYS B 218 4.89 -2.61 28.85
CA CYS B 218 3.77 -3.54 28.67
C CYS B 218 3.49 -4.34 29.94
N LEU B 219 4.55 -4.79 30.60
CA LEU B 219 4.43 -5.62 31.79
C LEU B 219 3.64 -4.90 32.89
N MET B 220 3.88 -3.60 33.04
CA MET B 220 3.25 -2.84 34.13
C MET B 220 1.80 -2.62 33.85
N ASP B 221 1.46 -2.48 32.57
CA ASP B 221 0.06 -2.36 32.17
C ASP B 221 -0.63 -3.68 32.40
N LEU B 222 0.03 -4.77 32.01
CA LEU B 222 -0.55 -6.09 32.08
C LEU B 222 -0.70 -6.58 33.52
N HIS B 223 0.27 -6.23 34.35
CA HIS B 223 0.20 -6.50 35.79
C HIS B 223 -1.05 -5.87 36.40
N GLN B 224 -1.30 -4.61 36.03
CA GLN B 224 -2.45 -3.87 36.56
C GLN B 224 -3.75 -4.48 36.08
N THR B 225 -3.80 -4.82 34.79
CA THR B 225 -4.96 -5.49 34.23
C THR B 225 -5.21 -6.77 35.00
N TYR B 226 -4.14 -7.50 35.28
CA TYR B 226 -4.23 -8.78 35.95
C TYR B 226 -4.81 -8.58 37.39
N LEU B 227 -4.28 -7.60 38.12
CA LEU B 227 -4.80 -7.27 39.46
C LEU B 227 -6.27 -6.84 39.48
N LYS B 228 -6.68 -6.03 38.52
CA LYS B 228 -8.05 -5.50 38.47
C LYS B 228 -9.02 -6.38 37.69
N ALA B 229 -8.55 -7.53 37.20
CA ALA B 229 -9.42 -8.38 36.39
C ALA B 229 -10.77 -8.76 37.06
N PRO B 230 -10.79 -9.13 38.36
CA PRO B 230 -12.08 -9.46 39.01
C PRO B 230 -13.11 -8.33 39.01
N GLN B 231 -12.65 -7.08 38.87
CA GLN B 231 -13.52 -5.90 38.90
C GLN B 231 -13.81 -5.28 37.53
N HIS B 232 -13.23 -5.82 36.45
CA HIS B 232 -13.48 -5.29 35.11
C HIS B 232 -14.93 -5.56 34.72
N ALA B 233 -15.55 -4.62 34.01
CA ALA B 233 -16.95 -4.78 33.60
C ALA B 233 -17.16 -6.02 32.71
N GLN B 234 -16.13 -6.39 31.96
CA GLN B 234 -16.19 -7.57 31.09
C GLN B 234 -15.52 -8.77 31.78
N GLN B 235 -16.20 -9.91 31.81
CA GLN B 235 -15.81 -11.03 32.68
C GLN B 235 -15.76 -12.36 31.94
N SER B 236 -16.03 -12.36 30.64
CA SER B 236 -16.13 -13.60 29.90
C SER B 236 -14.82 -14.36 29.77
N ILE B 237 -13.69 -13.66 29.64
CA ILE B 237 -12.39 -14.33 29.64
C ILE B 237 -12.10 -15.00 31.01
N ARG B 238 -12.38 -14.30 32.11
CA ARG B 238 -12.17 -14.92 33.44
C ARG B 238 -12.99 -16.19 33.62
N GLU B 239 -14.24 -16.19 33.19
CA GLU B 239 -15.12 -17.37 33.31
C GLU B 239 -14.66 -18.51 32.43
N LYS B 240 -14.31 -18.18 31.19
CA LYS B 240 -13.74 -19.16 30.27
C LYS B 240 -12.50 -19.83 30.90
N TYR B 241 -11.63 -19.02 31.51
CA TYR B 241 -10.38 -19.59 32.03
C TYR B 241 -10.50 -20.24 33.43
N LYS B 242 -11.75 -20.40 33.90
CA LYS B 242 -12.05 -21.23 35.06
C LYS B 242 -12.17 -22.70 34.65
N ASN B 243 -12.31 -22.96 33.36
CA ASN B 243 -12.49 -24.33 32.88
C ASN B 243 -11.24 -25.17 33.03
N SER B 244 -11.46 -26.47 33.22
CA SER B 244 -10.38 -27.44 33.34
C SER B 244 -9.54 -27.53 32.09
N LYS B 245 -10.13 -27.22 30.94
CA LYS B 245 -9.36 -27.18 29.69
C LYS B 245 -8.16 -26.23 29.79
N TYR B 246 -8.37 -25.11 30.50
CA TYR B 246 -7.31 -24.12 30.75
C TYR B 246 -6.78 -24.17 32.18
N HIS B 247 -6.93 -25.34 32.82
CA HIS B 247 -6.42 -25.60 34.17
C HIS B 247 -6.87 -24.63 35.24
N GLY B 248 -8.06 -24.05 35.06
CA GLY B 248 -8.59 -23.10 36.02
C GLY B 248 -7.66 -21.94 36.36
N VAL B 249 -6.78 -21.55 35.44
CA VAL B 249 -5.76 -20.53 35.76
C VAL B 249 -6.33 -19.15 36.18
N SER B 250 -7.57 -18.85 35.82
CA SER B 250 -8.07 -17.54 36.21
C SER B 250 -8.35 -17.44 37.72
N LEU B 251 -8.39 -18.58 38.40
CA LEU B 251 -8.51 -18.59 39.87
C LEU B 251 -7.18 -18.44 40.60
N LEU B 252 -6.06 -18.45 39.87
CA LEU B 252 -4.77 -18.14 40.51
C LEU B 252 -4.68 -16.69 40.95
N ASN B 253 -3.94 -16.46 42.05
CA ASN B 253 -3.78 -15.12 42.58
C ASN B 253 -2.62 -14.45 41.87
N PRO B 254 -2.85 -13.24 41.36
CA PRO B 254 -1.78 -12.43 40.76
C PRO B 254 -0.78 -12.03 41.85
N PRO B 255 0.50 -11.92 41.49
CA PRO B 255 1.53 -11.44 42.43
C PRO B 255 1.28 -9.97 42.78
N GLU B 256 1.55 -9.58 44.02
CA GLU B 256 1.38 -8.19 44.41
C GLU B 256 2.40 -7.30 43.74
N THR B 257 3.66 -7.73 43.74
CA THR B 257 4.72 -6.96 43.09
C THR B 257 5.45 -7.78 42.05
N LEU B 258 6.00 -7.09 41.06
CA LEU B 258 6.82 -7.72 40.03
C LEU B 258 8.30 -7.63 40.36
N ASN B 259 8.65 -6.60 41.12
CA ASN B 259 10.04 -6.35 41.49
C ASN B 259 10.90 -6.32 40.22
N LEU B 260 10.75 -5.23 39.46
CA LEU B 260 11.49 -5.04 38.22
C LEU B 260 12.50 -3.90 38.35
N SER C 4 -20.70 -2.12 -6.39
CA SER C 4 -19.71 -1.01 -6.64
C SER C 4 -20.06 0.23 -5.83
N MET C 5 -21.20 0.82 -6.16
CA MET C 5 -21.79 1.89 -5.36
C MET C 5 -23.01 1.36 -4.60
N GLU C 6 -23.19 0.02 -4.66
CA GLU C 6 -24.30 -0.69 -4.03
C GLU C 6 -24.48 -0.39 -2.56
N ASN C 7 -23.37 -0.17 -1.87
CA ASN C 7 -23.41 0.08 -0.43
C ASN C 7 -23.82 1.51 -0.04
N PHE C 8 -23.91 2.42 -1.01
CA PHE C 8 -24.21 3.83 -0.67
C PHE C 8 -25.65 4.23 -0.98
N GLN C 9 -26.32 4.82 0.00
CA GLN C 9 -27.68 5.32 -0.19
C GLN C 9 -27.57 6.83 -0.36
N LYS C 10 -27.86 7.34 -1.54
CA LYS C 10 -27.84 8.79 -1.77
C LYS C 10 -28.91 9.46 -0.90
N VAL C 11 -28.54 10.56 -0.26
CA VAL C 11 -29.43 11.24 0.68
C VAL C 11 -30.06 12.48 0.03
N GLU C 12 -29.19 13.35 -0.47
CA GLU C 12 -29.57 14.62 -1.08
C GLU C 12 -28.35 15.13 -1.84
N LYS C 13 -28.59 15.92 -2.88
CA LYS C 13 -27.52 16.60 -3.59
C LYS C 13 -27.08 17.79 -2.75
N ILE C 14 -25.77 18.05 -2.70
CA ILE C 14 -25.28 19.14 -1.88
C ILE C 14 -25.01 20.39 -2.71
N GLY C 15 -24.29 20.21 -3.83
CA GLY C 15 -23.96 21.29 -4.73
C GLY C 15 -22.95 20.85 -5.77
N GLU C 16 -22.55 21.79 -6.62
CA GLU C 16 -21.54 21.58 -7.66
C GLU C 16 -20.39 22.54 -7.46
N GLY C 17 -19.18 22.02 -7.35
CA GLY C 17 -18.00 22.85 -7.16
C GLY C 17 -17.29 23.12 -8.47
N THR C 18 -15.96 23.08 -8.46
CA THR C 18 -15.20 23.40 -9.67
C THR C 18 -15.32 22.33 -10.75
N TYR C 19 -15.64 21.10 -10.34
CA TYR C 19 -16.03 20.04 -11.26
C TYR C 19 -16.90 19.02 -10.53
N GLY C 20 -17.69 18.28 -11.30
CA GLY C 20 -18.55 17.22 -10.79
C GLY C 20 -19.69 17.70 -9.93
N VAL C 21 -20.23 16.76 -9.17
CA VAL C 21 -21.37 16.98 -8.30
C VAL C 21 -21.12 16.22 -7.01
N VAL C 22 -21.44 16.86 -5.89
CA VAL C 22 -21.27 16.28 -4.57
C VAL C 22 -22.65 15.96 -4.02
N TYR C 23 -22.83 14.72 -3.57
CA TYR C 23 -24.03 14.28 -2.89
C TYR C 23 -23.71 13.98 -1.44
N LYS C 24 -24.74 14.04 -0.60
CA LYS C 24 -24.69 13.45 0.73
C LYS C 24 -25.19 12.02 0.54
N ALA C 25 -24.49 11.07 1.14
CA ALA C 25 -24.85 9.66 0.99
C ALA C 25 -24.61 8.95 2.28
N ARG C 26 -25.21 7.79 2.45
CA ARG C 26 -24.91 7.03 3.66
C ARG C 26 -24.51 5.60 3.36
N ASN C 27 -23.44 5.18 4.02
CA ASN C 27 -22.96 3.81 3.91
C ASN C 27 -23.98 2.94 4.62
N LYS C 28 -24.63 2.08 3.85
CA LYS C 28 -25.69 1.23 4.37
C LYS C 28 -25.20 0.28 5.46
N LEU C 29 -23.93 -0.12 5.37
CA LEU C 29 -23.43 -1.17 6.25
C LEU C 29 -22.80 -0.64 7.50
N THR C 30 -22.12 0.49 7.41
CA THR C 30 -21.51 1.11 8.61
C THR C 30 -22.33 2.26 9.22
N GLY C 31 -23.21 2.87 8.42
CA GLY C 31 -24.01 4.00 8.89
C GLY C 31 -23.27 5.31 8.72
N GLU C 32 -22.04 5.23 8.21
CA GLU C 32 -21.25 6.43 7.97
C GLU C 32 -21.95 7.32 6.96
N VAL C 33 -22.05 8.60 7.28
CA VAL C 33 -22.48 9.62 6.35
C VAL C 33 -21.24 10.15 5.62
N VAL C 34 -21.31 10.20 4.30
CA VAL C 34 -20.19 10.65 3.48
C VAL C 34 -20.65 11.72 2.47
N ALA C 35 -19.67 12.45 1.94
CA ALA C 35 -19.83 13.29 0.76
C ALA C 35 -19.27 12.56 -0.44
N LEU C 36 -20.12 12.28 -1.42
CA LEU C 36 -19.69 11.61 -2.62
C LEU C 36 -19.57 12.61 -3.75
N LYS C 37 -18.36 12.77 -4.28
CA LYS C 37 -18.16 13.53 -5.51
C LYS C 37 -18.17 12.63 -6.75
N LYS C 38 -19.23 12.77 -7.53
CA LYS C 38 -19.40 12.05 -8.79
C LYS C 38 -18.83 12.81 -10.00
N ILE C 39 -17.97 12.14 -10.75
CA ILE C 39 -17.25 12.72 -11.88
C ILE C 39 -17.53 11.89 -13.12
N ARG C 40 -18.04 12.54 -14.15
CA ARG C 40 -18.32 11.88 -15.41
C ARG C 40 -17.01 11.70 -16.15
N LEU C 41 -16.77 10.49 -16.67
CA LEU C 41 -15.58 10.30 -17.48
C LEU C 41 -15.93 10.42 -18.97
N ASP C 42 -15.09 11.16 -19.69
CA ASP C 42 -15.26 11.42 -21.12
C ASP C 42 -14.60 10.31 -21.89
N THR C 43 -15.25 9.16 -21.87
CA THR C 43 -14.74 7.89 -22.36
C THR C 43 -14.30 7.83 -23.84
N GLU C 44 -14.86 8.70 -24.66
CA GLU C 44 -14.57 8.72 -26.09
C GLU C 44 -13.90 10.02 -26.47
N THR C 45 -13.60 10.86 -25.48
CA THR C 45 -13.20 12.25 -25.72
C THR C 45 -11.87 12.62 -25.05
N GLU C 46 -11.93 13.32 -23.92
CA GLU C 46 -10.70 13.84 -23.32
C GLU C 46 -10.20 12.98 -22.14
N GLY C 47 -11.03 12.07 -21.67
CA GLY C 47 -10.65 11.13 -20.60
C GLY C 47 -10.92 11.61 -19.19
N VAL C 48 -10.04 11.26 -18.25
CA VAL C 48 -10.19 11.71 -16.85
C VAL C 48 -9.76 13.17 -16.77
N PRO C 49 -10.61 14.08 -16.27
CA PRO C 49 -10.24 15.50 -16.27
C PRO C 49 -9.02 15.80 -15.43
N SER C 50 -8.29 16.86 -15.78
CA SER C 50 -7.06 17.20 -15.09
C SER C 50 -7.36 17.64 -13.66
N THR C 51 -8.53 18.24 -13.44
CA THR C 51 -8.93 18.63 -12.09
C THR C 51 -9.10 17.43 -11.13
N ALA C 52 -9.65 16.33 -11.63
CA ALA C 52 -9.79 15.11 -10.83
C ALA C 52 -8.40 14.53 -10.52
N ILE C 53 -7.57 14.43 -11.55
CA ILE C 53 -6.20 13.97 -11.42
C ILE C 53 -5.37 14.78 -10.39
N ARG C 54 -5.54 16.10 -10.40
CA ARG C 54 -4.85 16.98 -9.46
C ARG C 54 -5.41 16.82 -8.06
N GLU C 55 -6.74 16.87 -7.92
CA GLU C 55 -7.38 16.79 -6.62
C GLU C 55 -7.11 15.49 -5.89
N ILE C 56 -7.19 14.36 -6.61
CA ILE C 56 -6.99 13.04 -5.99
C ILE C 56 -5.54 12.79 -5.59
N SER C 57 -4.62 13.04 -6.50
CA SER C 57 -3.20 12.82 -6.25
C SER C 57 -2.73 13.65 -5.08
N LEU C 58 -3.24 14.87 -4.99
CA LEU C 58 -2.77 15.83 -4.00
C LEU C 58 -3.43 15.57 -2.68
N LEU C 59 -4.72 15.28 -2.69
CA LEU C 59 -5.44 15.03 -1.46
C LEU C 59 -5.04 13.73 -0.75
N LYS C 60 -4.48 12.77 -1.50
CA LYS C 60 -3.94 11.53 -0.94
C LYS C 60 -2.66 11.75 -0.13
N GLU C 61 -1.88 12.77 -0.53
CA GLU C 61 -0.68 13.15 0.20
C GLU C 61 -1.05 13.94 1.44
N LEU C 62 -1.95 14.91 1.28
CA LEU C 62 -2.33 15.83 2.36
C LEU C 62 -3.29 15.20 3.39
N ASN C 63 -2.75 14.72 4.49
CA ASN C 63 -3.59 14.32 5.60
C ASN C 63 -3.32 15.28 6.77
N HIS C 64 -4.35 16.02 7.12
CA HIS C 64 -4.24 17.08 8.12
C HIS C 64 -5.62 17.37 8.70
N PRO C 65 -5.70 17.54 10.02
CA PRO C 65 -6.98 17.80 10.69
C PRO C 65 -7.81 18.94 10.06
N ASN C 66 -7.15 19.83 9.34
CA ASN C 66 -7.88 20.95 8.76
C ASN C 66 -7.97 20.93 7.23
N ILE C 67 -7.71 19.74 6.66
CA ILE C 67 -7.90 19.49 5.24
C ILE C 67 -8.90 18.36 5.12
N VAL C 68 -9.89 18.54 4.23
CA VAL C 68 -10.94 17.55 4.14
C VAL C 68 -10.33 16.16 3.75
N LYS C 69 -10.86 15.11 4.35
CA LYS C 69 -10.27 13.79 4.23
C LYS C 69 -10.85 13.03 3.04
N LEU C 70 -9.99 12.65 2.11
CA LEU C 70 -10.38 11.75 1.03
C LEU C 70 -10.32 10.29 1.51
N LEU C 71 -11.46 9.65 1.57
CA LEU C 71 -11.59 8.30 2.14
C LEU C 71 -11.35 7.17 1.14
N ASP C 72 -11.88 7.30 -0.07
CA ASP C 72 -11.85 6.20 -1.04
C ASP C 72 -12.01 6.82 -2.44
N VAL C 73 -11.57 6.08 -3.46
CA VAL C 73 -11.81 6.46 -4.84
C VAL C 73 -12.42 5.23 -5.49
N ILE C 74 -13.65 5.36 -5.97
CA ILE C 74 -14.30 4.22 -6.63
C ILE C 74 -14.34 4.47 -8.11
N HIS C 75 -13.58 3.62 -8.81
CA HIS C 75 -13.18 3.88 -10.17
C HIS C 75 -13.98 2.96 -11.06
N THR C 76 -14.84 3.53 -11.89
CA THR C 76 -15.64 2.74 -12.82
C THR C 76 -15.22 3.05 -14.25
N GLU C 77 -15.70 2.22 -15.19
CA GLU C 77 -15.52 2.46 -16.63
C GLU C 77 -15.93 3.87 -17.05
N ASN C 78 -17.14 4.28 -16.65
CA ASN C 78 -17.75 5.55 -17.10
C ASN C 78 -17.80 6.68 -16.06
N LYS C 79 -17.54 6.33 -14.81
CA LYS C 79 -17.71 7.28 -13.72
C LYS C 79 -16.64 7.10 -12.68
N LEU C 80 -16.31 8.19 -12.00
CA LEU C 80 -15.43 8.18 -10.86
C LEU C 80 -16.19 8.79 -9.69
N TYR C 81 -16.19 8.09 -8.55
CA TYR C 81 -16.71 8.61 -7.30
C TYR C 81 -15.59 8.80 -6.27
N LEU C 82 -15.56 9.98 -5.67
CA LEU C 82 -14.63 10.29 -4.60
C LEU C 82 -15.43 10.29 -3.32
N VAL C 83 -14.99 9.49 -2.34
CA VAL C 83 -15.69 9.39 -1.06
C VAL C 83 -14.94 10.25 -0.07
N PHE C 84 -15.61 11.28 0.44
CA PHE C 84 -15.02 12.19 1.40
C PHE C 84 -15.71 12.04 2.75
N GLU C 85 -15.01 12.39 3.82
CA GLU C 85 -15.70 12.68 5.06
C GLU C 85 -16.77 13.79 4.81
N PHE C 86 -17.91 13.66 5.44
CA PHE C 86 -19.00 14.63 5.39
C PHE C 86 -18.87 15.68 6.50
N LEU C 87 -18.95 16.96 6.14
CA LEU C 87 -19.01 18.02 7.15
C LEU C 87 -20.39 18.71 7.15
N HIS C 88 -20.79 19.24 8.31
CA HIS C 88 -22.15 19.76 8.50
C HIS C 88 -22.53 20.86 7.51
N GLN C 89 -21.62 21.80 7.23
CA GLN C 89 -21.91 22.86 6.27
C GLN C 89 -20.71 23.69 5.86
N ASP C 90 -20.91 24.59 4.89
CA ASP C 90 -19.83 25.47 4.46
C ASP C 90 -19.84 26.80 5.21
N LEU C 91 -18.74 27.55 5.12
CA LEU C 91 -18.58 28.81 5.86
C LEU C 91 -19.65 29.85 5.48
N LYS C 92 -19.78 30.11 4.19
CA LYS C 92 -20.81 31.01 3.64
C LYS C 92 -22.17 30.80 4.29
N LYS C 93 -22.67 29.57 4.25
CA LYS C 93 -23.98 29.27 4.82
C LYS C 93 -24.06 29.61 6.31
N PHE C 94 -22.97 29.34 7.03
CA PHE C 94 -22.89 29.64 8.45
C PHE C 94 -22.92 31.15 8.68
N MET C 95 -22.21 31.90 7.84
CA MET C 95 -22.15 33.34 7.97
C MET C 95 -23.54 33.98 7.82
N ASP C 96 -24.34 33.43 6.92
CA ASP C 96 -25.70 33.92 6.66
C ASP C 96 -26.63 33.71 7.84
N ALA C 97 -26.57 32.53 8.46
CA ALA C 97 -27.36 32.26 9.66
C ALA C 97 -26.88 33.15 10.82
N SER C 98 -25.70 33.73 10.66
CA SER C 98 -25.10 34.62 11.65
C SER C 98 -25.22 36.10 11.25
N ALA C 99 -25.83 36.37 10.10
CA ALA C 99 -25.86 37.70 9.50
C ALA C 99 -26.39 38.77 10.46
N LEU C 100 -27.42 38.43 11.23
CA LEU C 100 -28.02 39.34 12.19
C LEU C 100 -27.30 39.32 13.55
N THR C 101 -27.11 38.12 14.12
CA THR C 101 -26.51 37.97 15.46
C THR C 101 -24.98 38.12 15.51
N GLY C 102 -24.31 37.86 14.39
CA GLY C 102 -22.85 37.94 14.31
C GLY C 102 -22.16 36.68 14.83
N ILE C 103 -20.91 36.48 14.42
CA ILE C 103 -20.09 35.37 14.92
C ILE C 103 -19.19 35.85 16.07
N PRO C 104 -19.28 35.20 17.23
CA PRO C 104 -18.41 35.55 18.37
C PRO C 104 -16.92 35.56 18.01
N LEU C 105 -16.16 36.53 18.51
CA LEU C 105 -14.74 36.70 18.15
C LEU C 105 -13.83 35.49 18.44
N PRO C 106 -13.99 34.85 19.60
CA PRO C 106 -13.34 33.56 19.88
C PRO C 106 -13.46 32.57 18.70
N LEU C 107 -14.69 32.31 18.26
CA LEU C 107 -14.95 31.40 17.14
C LEU C 107 -14.24 31.84 15.86
N ILE C 108 -14.37 33.13 15.55
CA ILE C 108 -13.67 33.73 14.41
C ILE C 108 -12.17 33.48 14.51
N LYS C 109 -11.62 33.62 15.72
CA LYS C 109 -10.18 33.43 15.95
C LYS C 109 -9.80 31.95 15.73
N SER C 110 -10.64 31.06 16.23
CA SER C 110 -10.42 29.63 16.12
C SER C 110 -10.43 29.19 14.65
N TYR C 111 -11.51 29.50 13.95
CA TYR C 111 -11.63 29.25 12.51
C TYR C 111 -10.44 29.77 11.72
N LEU C 112 -10.01 30.99 12.00
CA LEU C 112 -8.86 31.55 11.29
C LEU C 112 -7.58 30.79 11.60
N PHE C 113 -7.43 30.37 12.85
CA PHE C 113 -6.25 29.63 13.31
C PHE C 113 -6.16 28.29 12.58
N GLN C 114 -7.26 27.54 12.60
CA GLN C 114 -7.38 26.23 11.97
C GLN C 114 -7.11 26.28 10.47
N LEU C 115 -7.67 27.31 9.82
CA LEU C 115 -7.54 27.47 8.38
C LEU C 115 -6.11 27.76 7.98
N LEU C 116 -5.40 28.51 8.83
CA LEU C 116 -3.98 28.76 8.60
C LEU C 116 -3.14 27.49 8.80
N GLN C 117 -3.52 26.66 9.74
CA GLN C 117 -2.84 25.37 9.94
C GLN C 117 -2.92 24.51 8.67
N GLY C 118 -4.13 24.35 8.15
CA GLY C 118 -4.35 23.59 6.92
C GLY C 118 -3.58 24.18 5.77
N LEU C 119 -3.57 25.51 5.69
CA LEU C 119 -2.89 26.19 4.60
C LEU C 119 -1.39 26.09 4.68
N ALA C 120 -0.85 26.21 5.90
CA ALA C 120 0.59 26.01 6.10
C ALA C 120 0.99 24.59 5.75
N PHE C 121 0.12 23.63 6.05
CA PHE C 121 0.34 22.24 5.65
C PHE C 121 0.39 22.11 4.11
N CYS C 122 -0.60 22.67 3.42
CA CYS C 122 -0.55 22.74 1.95
C CYS C 122 0.75 23.34 1.40
N HIS C 123 1.13 24.53 1.87
CA HIS C 123 2.31 25.22 1.31
C HIS C 123 3.61 24.43 1.53
N SER C 124 3.75 23.85 2.73
CA SER C 124 4.90 23.00 3.08
C SER C 124 5.02 21.75 2.22
N HIS C 125 3.94 21.39 1.55
CA HIS C 125 3.93 20.17 0.74
C HIS C 125 3.70 20.54 -0.72
N ARG C 126 4.22 21.72 -1.06
CA ARG C 126 4.15 22.29 -2.41
C ARG C 126 2.75 22.25 -3.07
N VAL C 127 1.73 22.68 -2.33
CA VAL C 127 0.40 22.78 -2.90
C VAL C 127 -0.19 24.19 -2.76
N LEU C 128 -0.65 24.76 -3.88
CA LEU C 128 -1.51 25.96 -3.87
C LEU C 128 -2.97 25.52 -3.92
N HIS C 129 -3.83 26.12 -3.09
CA HIS C 129 -5.26 25.81 -3.14
C HIS C 129 -5.90 26.56 -4.31
N ARG C 130 -5.66 27.88 -4.37
CA ARG C 130 -6.10 28.79 -5.45
C ARG C 130 -7.60 28.99 -5.58
N ASP C 131 -8.34 28.63 -4.56
CA ASP C 131 -9.78 28.75 -4.62
C ASP C 131 -10.38 28.93 -3.25
N LEU C 132 -9.65 29.59 -2.36
CA LEU C 132 -10.15 29.78 -0.99
C LEU C 132 -11.31 30.76 -1.02
N LYS C 133 -12.49 30.25 -0.71
CA LYS C 133 -13.69 31.05 -0.60
C LYS C 133 -14.49 30.36 0.45
N PRO C 134 -15.37 31.08 1.12
CA PRO C 134 -16.16 30.49 2.22
C PRO C 134 -16.95 29.28 1.76
N GLN C 135 -17.24 29.19 0.47
CA GLN C 135 -18.05 28.08 -0.05
C GLN C 135 -17.24 26.79 0.03
N ASN C 136 -15.92 26.94 -0.08
CA ASN C 136 -14.95 25.84 -0.11
C ASN C 136 -14.31 25.51 1.26
N LEU C 137 -14.85 26.09 2.32
CA LEU C 137 -14.36 25.85 3.68
C LEU C 137 -15.50 25.31 4.50
N LEU C 138 -15.27 24.15 5.10
CA LEU C 138 -16.35 23.38 5.70
C LEU C 138 -16.14 23.24 7.19
N ILE C 139 -17.25 23.29 7.93
CA ILE C 139 -17.24 23.27 9.39
C ILE C 139 -18.05 22.09 9.90
N ASN C 140 -17.79 21.70 11.15
CA ASN C 140 -18.61 20.70 11.84
C ASN C 140 -19.27 21.25 13.10
N THR C 141 -20.07 20.41 13.77
CA THR C 141 -20.81 20.81 14.96
C THR C 141 -19.90 20.84 16.19
N GLU C 142 -18.68 20.37 16.02
CA GLU C 142 -17.75 20.23 17.13
C GLU C 142 -16.73 21.38 17.15
N GLY C 143 -16.59 22.11 16.04
CA GLY C 143 -15.77 23.31 16.04
C GLY C 143 -14.60 23.38 15.09
N ALA C 144 -14.36 22.31 14.33
CA ALA C 144 -13.32 22.30 13.29
C ALA C 144 -13.77 23.06 12.04
N ILE C 145 -12.82 23.70 11.35
CA ILE C 145 -13.04 24.17 9.98
C ILE C 145 -11.99 23.56 9.07
N LYS C 146 -12.38 23.17 7.85
CA LYS C 146 -11.48 22.50 6.93
C LYS C 146 -11.49 23.02 5.50
N LEU C 147 -10.32 23.00 4.89
CA LEU C 147 -10.14 23.30 3.48
C LEU C 147 -10.76 22.18 2.65
N ALA C 148 -11.41 22.58 1.56
CA ALA C 148 -12.11 21.64 0.68
C ALA C 148 -12.17 22.15 -0.76
N ASP C 149 -12.72 21.28 -1.62
CA ASP C 149 -12.69 21.43 -3.07
C ASP C 149 -11.33 21.86 -3.57
N PHE C 150 -10.49 20.85 -3.79
CA PHE C 150 -9.13 21.02 -4.28
C PHE C 150 -9.04 20.92 -5.80
N GLY C 151 -10.17 21.05 -6.48
CA GLY C 151 -10.21 20.98 -7.92
C GLY C 151 -9.39 22.05 -8.64
N LEU C 152 -9.22 23.22 -8.02
CA LEU C 152 -8.43 24.27 -8.65
C LEU C 152 -7.05 24.36 -8.03
N ALA C 153 -6.70 23.35 -7.23
CA ALA C 153 -5.38 23.29 -6.60
C ALA C 153 -4.34 22.76 -7.58
N ARG C 154 -3.07 23.02 -7.30
CA ARG C 154 -1.97 22.47 -8.06
C ARG C 154 -0.67 22.38 -7.25
N ALA C 155 0.27 21.61 -7.76
CA ALA C 155 1.54 21.37 -7.10
C ALA C 155 2.62 22.31 -7.65
N PHE C 156 3.06 23.26 -6.82
CA PHE C 156 4.06 24.22 -7.28
C PHE C 156 5.50 23.75 -7.12
N GLY C 157 6.40 24.36 -7.91
CA GLY C 157 7.81 24.07 -7.86
C GLY C 157 8.58 25.20 -7.18
N VAL C 158 9.88 25.02 -7.01
CA VAL C 158 10.72 26.04 -6.37
C VAL C 158 11.94 26.33 -7.25
N PRO C 159 12.05 27.58 -7.72
CA PRO C 159 10.99 28.59 -7.56
C PRO C 159 9.81 28.34 -8.51
N VAL C 160 8.67 28.97 -8.24
CA VAL C 160 7.47 28.79 -9.06
C VAL C 160 7.60 29.36 -10.47
N ARG C 161 7.04 28.66 -11.45
CA ARG C 161 6.97 29.19 -12.81
C ARG C 161 5.61 29.83 -13.10
N THR C 162 5.41 30.14 -14.38
CA THR C 162 4.14 30.62 -14.91
C THR C 162 3.06 29.56 -14.67
N TYR C 163 1.95 29.97 -14.04
CA TYR C 163 0.80 29.08 -13.81
C TYR C 163 -0.57 29.75 -14.24
N TPO C 164 -1.67 29.00 -14.17
CA TPO C 164 -2.95 29.43 -14.75
CB TPO C 164 -4.01 28.34 -14.52
CG2 TPO C 164 -5.39 28.68 -15.10
OG1 TPO C 164 -3.57 27.10 -15.07
P TPO C 164 -3.16 25.90 -14.08
O1P TPO C 164 -2.46 24.76 -14.94
O2P TPO C 164 -2.18 26.48 -12.98
O3P TPO C 164 -4.47 25.40 -13.35
C TPO C 164 -3.47 30.70 -14.13
O TPO C 164 -3.63 30.79 -12.93
N HIS C 165 -3.76 31.69 -14.98
CA HIS C 165 -4.23 32.99 -14.51
C HIS C 165 -5.72 32.95 -14.13
N GLU C 166 -6.44 32.04 -14.77
CA GLU C 166 -7.90 31.97 -14.67
C GLU C 166 -8.30 31.32 -13.33
N VAL C 167 -7.88 31.98 -12.26
CA VAL C 167 -7.71 31.32 -10.98
C VAL C 167 -8.10 32.21 -9.82
N VAL C 168 -8.63 31.59 -8.77
CA VAL C 168 -9.29 32.27 -7.64
C VAL C 168 -10.51 33.05 -8.10
N THR C 169 -11.63 32.85 -7.42
CA THR C 169 -12.85 33.58 -7.72
C THR C 169 -12.61 35.08 -7.51
N LEU C 170 -12.84 35.87 -8.55
CA LEU C 170 -12.66 37.34 -8.55
C LEU C 170 -12.52 38.03 -7.19
N TRP C 171 -13.56 37.94 -6.36
CA TRP C 171 -13.63 38.62 -5.07
C TRP C 171 -12.50 38.31 -4.09
N TYR C 172 -11.60 37.41 -4.48
CA TYR C 172 -10.58 36.89 -3.58
C TYR C 172 -9.25 36.81 -4.30
N ARG C 173 -9.20 37.30 -5.53
CA ARG C 173 -7.95 37.27 -6.28
C ARG C 173 -6.94 38.29 -5.73
N ALA C 174 -5.66 37.94 -5.85
CA ALA C 174 -4.55 38.77 -5.39
C ALA C 174 -3.95 39.62 -6.52
N PRO C 175 -3.77 40.91 -6.23
CA PRO C 175 -3.20 41.88 -7.18
C PRO C 175 -2.22 41.32 -8.22
N GLU C 176 -1.30 40.46 -7.78
CA GLU C 176 -0.21 39.99 -8.63
C GLU C 176 -0.62 39.07 -9.79
N ILE C 177 -1.79 38.44 -9.69
CA ILE C 177 -2.28 37.58 -10.77
C ILE C 177 -2.95 38.48 -11.81
N LEU C 178 -3.82 39.37 -11.33
CA LEU C 178 -4.49 40.39 -12.13
C LEU C 178 -3.56 41.14 -13.11
N LEU C 179 -2.34 41.45 -12.70
CA LEU C 179 -1.41 42.18 -13.57
C LEU C 179 -0.62 41.23 -14.49
N GLY C 180 -0.94 39.93 -14.41
CA GLY C 180 -0.41 38.94 -15.32
C GLY C 180 1.05 38.61 -15.12
N CYS C 181 1.50 38.70 -13.86
CA CYS C 181 2.90 38.43 -13.53
C CYS C 181 3.27 37.02 -13.96
N LYS C 182 4.33 36.95 -14.76
CA LYS C 182 4.93 35.68 -15.13
C LYS C 182 4.93 34.71 -13.94
N TYR C 183 4.73 35.25 -12.72
CA TYR C 183 4.79 34.46 -11.48
C TYR C 183 3.83 34.93 -10.36
N TYR C 184 3.11 33.99 -9.76
CA TYR C 184 2.44 34.17 -8.47
C TYR C 184 2.82 32.98 -7.58
N SER C 185 2.37 32.98 -6.32
CA SER C 185 2.82 31.96 -5.37
C SER C 185 1.89 31.82 -4.18
N THR C 186 2.42 31.26 -3.08
CA THR C 186 1.64 31.01 -1.86
C THR C 186 0.88 32.21 -1.31
N ALA C 187 1.35 33.42 -1.63
CA ALA C 187 0.74 34.64 -1.10
C ALA C 187 -0.69 34.88 -1.57
N VAL C 188 -1.04 34.31 -2.73
CA VAL C 188 -2.42 34.40 -3.21
C VAL C 188 -3.39 33.75 -2.24
N ASP C 189 -2.95 32.66 -1.61
CA ASP C 189 -3.80 31.91 -0.70
C ASP C 189 -4.01 32.73 0.57
N ILE C 190 -2.97 33.44 0.99
CA ILE C 190 -3.03 34.32 2.16
C ILE C 190 -4.00 35.49 1.93
N TRP C 191 -3.87 36.14 0.77
CA TRP C 191 -4.82 37.20 0.41
C TRP C 191 -6.26 36.75 0.64
N SER C 192 -6.62 35.60 0.07
CA SER C 192 -7.97 35.07 0.15
C SER C 192 -8.38 34.91 1.59
N LEU C 193 -7.51 34.30 2.39
CA LEU C 193 -7.75 34.16 3.81
C LEU C 193 -7.93 35.54 4.47
N GLY C 194 -7.09 36.49 4.08
CA GLY C 194 -7.23 37.88 4.55
C GLY C 194 -8.65 38.39 4.38
N CYS C 195 -9.17 38.26 3.15
CA CYS C 195 -10.53 38.71 2.85
C CYS C 195 -11.55 37.93 3.66
N ILE C 196 -11.29 36.63 3.85
CA ILE C 196 -12.23 35.78 4.60
C ILE C 196 -12.20 36.16 6.08
N PHE C 197 -11.00 36.47 6.57
CA PHE C 197 -10.84 37.00 7.92
C PHE C 197 -11.79 38.19 8.07
N ALA C 198 -11.55 39.22 7.26
CA ALA C 198 -12.38 40.43 7.30
C ALA C 198 -13.87 40.09 7.31
N GLU C 199 -14.29 39.26 6.34
CA GLU C 199 -15.69 38.90 6.12
C GLU C 199 -16.35 38.23 7.31
N MET C 200 -15.58 37.48 8.09
CA MET C 200 -16.13 36.90 9.30
C MET C 200 -16.52 37.99 10.31
N VAL C 201 -15.70 39.04 10.39
CA VAL C 201 -15.97 40.17 11.28
C VAL C 201 -17.09 41.09 10.75
N THR C 202 -16.83 41.73 9.59
CA THR C 202 -17.75 42.71 8.97
C THR C 202 -19.14 42.16 8.65
N ARG C 203 -19.23 40.84 8.47
CA ARG C 203 -20.49 40.12 8.15
C ARG C 203 -20.77 40.05 6.65
N ARG C 204 -20.39 41.11 5.93
CA ARG C 204 -20.54 41.16 4.49
C ARG C 204 -19.17 41.01 3.89
N ALA C 205 -19.11 40.55 2.63
CA ALA C 205 -17.86 40.39 1.91
C ALA C 205 -17.09 41.68 2.00
N LEU C 206 -15.77 41.57 2.13
CA LEU C 206 -14.92 42.75 2.22
C LEU C 206 -14.88 43.53 0.92
N PHE C 207 -14.56 42.83 -0.18
CA PHE C 207 -14.42 43.48 -1.50
C PHE C 207 -15.36 42.90 -2.57
N PRO C 208 -16.68 43.07 -2.41
CA PRO C 208 -17.64 42.45 -3.32
C PRO C 208 -17.82 43.20 -4.65
N GLY C 209 -16.85 43.08 -5.54
CA GLY C 209 -16.92 43.71 -6.85
C GLY C 209 -17.96 43.10 -7.78
N ASP C 210 -18.23 43.78 -8.90
CA ASP C 210 -19.09 43.22 -9.96
C ASP C 210 -18.35 43.04 -11.29
N SER C 211 -17.10 43.52 -11.34
CA SER C 211 -16.23 43.35 -12.50
C SER C 211 -14.78 43.31 -12.02
N GLU C 212 -13.85 43.09 -12.94
CA GLU C 212 -12.42 43.08 -12.61
C GLU C 212 -11.94 44.45 -12.11
N ILE C 213 -12.25 45.48 -12.88
CA ILE C 213 -11.82 46.83 -12.53
C ILE C 213 -12.52 47.37 -11.28
N ASP C 214 -13.78 46.97 -11.04
CA ASP C 214 -14.47 47.38 -9.81
C ASP C 214 -13.86 46.75 -8.56
N GLN C 215 -13.31 45.54 -8.74
CA GLN C 215 -12.52 44.90 -7.68
C GLN C 215 -11.38 45.82 -7.27
N LEU C 216 -10.55 46.22 -8.25
CA LEU C 216 -9.35 47.02 -8.01
C LEU C 216 -9.61 48.41 -7.45
N PHE C 217 -10.81 48.95 -7.69
CA PHE C 217 -11.17 50.25 -7.11
C PHE C 217 -11.61 50.06 -5.66
N ARG C 218 -12.25 48.94 -5.35
CA ARG C 218 -12.61 48.62 -3.97
C ARG C 218 -11.34 48.30 -3.17
N ILE C 219 -10.36 47.71 -3.85
CA ILE C 219 -9.07 47.35 -3.25
C ILE C 219 -8.29 48.62 -2.92
N PHE C 220 -7.95 49.38 -3.97
CA PHE C 220 -7.09 50.56 -3.87
C PHE C 220 -7.80 51.68 -3.10
N ARG C 221 -9.10 51.51 -2.90
CA ARG C 221 -9.91 52.35 -2.02
C ARG C 221 -9.47 52.13 -0.56
N THR C 222 -8.68 51.09 -0.34
CA THR C 222 -8.22 50.71 1.00
C THR C 222 -6.69 50.59 1.10
N LEU C 223 -6.01 50.41 -0.04
CA LEU C 223 -4.54 50.16 -0.01
C LEU C 223 -3.64 50.87 -1.06
N GLY C 224 -4.22 51.46 -2.10
CA GLY C 224 -3.50 52.35 -3.01
C GLY C 224 -2.53 51.76 -4.04
N THR C 225 -2.32 52.52 -5.11
CA THR C 225 -1.48 52.13 -6.26
C THR C 225 -0.04 51.74 -5.87
N PRO C 226 0.44 50.60 -6.38
CA PRO C 226 1.82 50.17 -6.14
C PRO C 226 2.85 50.82 -7.06
N ASP C 227 3.93 51.31 -6.46
CA ASP C 227 5.10 51.84 -7.18
C ASP C 227 6.32 50.97 -6.87
N GLU C 228 7.50 51.38 -7.37
CA GLU C 228 8.74 50.63 -7.11
C GLU C 228 9.16 50.54 -5.64
N VAL C 229 8.82 51.57 -4.85
CA VAL C 229 9.20 51.62 -3.44
C VAL C 229 8.39 50.62 -2.57
N VAL C 230 7.10 50.48 -2.85
CA VAL C 230 6.29 49.47 -2.13
C VAL C 230 6.46 48.07 -2.74
N TRP C 231 6.78 48.03 -4.04
CA TRP C 231 6.85 46.79 -4.79
C TRP C 231 7.86 46.86 -5.96
N PRO C 232 9.11 46.49 -5.71
CA PRO C 232 10.12 46.37 -6.78
C PRO C 232 9.70 45.37 -7.86
N GLY C 233 9.21 45.89 -8.99
CA GLY C 233 8.81 45.04 -10.11
C GLY C 233 7.45 45.30 -10.75
N VAL C 234 6.55 46.02 -10.06
CA VAL C 234 5.20 46.30 -10.59
C VAL C 234 5.24 46.79 -12.03
N THR C 235 6.20 47.68 -12.30
CA THR C 235 6.30 48.40 -13.57
C THR C 235 6.86 47.57 -14.73
N SER C 236 7.40 46.39 -14.39
CA SER C 236 7.97 45.47 -15.39
C SER C 236 6.94 44.44 -15.88
N MET C 237 5.85 44.28 -15.12
CA MET C 237 4.84 43.23 -15.34
C MET C 237 4.01 43.41 -16.63
N PRO C 238 3.69 42.30 -17.32
CA PRO C 238 3.09 42.33 -18.68
C PRO C 238 1.69 42.95 -18.86
N ASP C 239 1.00 43.32 -17.78
CA ASP C 239 -0.30 44.01 -17.91
C ASP C 239 -0.43 45.23 -16.99
N TYR C 240 0.69 45.65 -16.42
CA TYR C 240 0.78 46.90 -15.67
C TYR C 240 0.72 48.07 -16.65
N LYS C 241 0.00 49.11 -16.26
CA LYS C 241 -0.07 50.35 -17.04
C LYS C 241 0.37 51.56 -16.21
N PRO C 242 1.16 52.44 -16.82
CA PRO C 242 1.54 53.71 -16.17
C PRO C 242 0.34 54.65 -16.03
N SER C 243 -0.72 54.38 -16.80
CA SER C 243 -1.96 55.15 -16.76
C SER C 243 -2.81 54.90 -15.51
N PHE C 244 -2.59 53.78 -14.83
CA PHE C 244 -3.24 53.50 -13.54
C PHE C 244 -3.14 54.77 -12.71
N PRO C 245 -4.29 55.29 -12.25
CA PRO C 245 -4.30 56.43 -11.32
C PRO C 245 -3.46 56.13 -10.07
N LYS C 246 -2.91 57.17 -9.43
CA LYS C 246 -2.01 56.97 -8.29
C LYS C 246 -2.67 57.23 -6.92
N TRP C 247 -3.36 56.20 -6.42
CA TRP C 247 -4.14 56.27 -5.17
C TRP C 247 -3.28 56.17 -3.90
N ALA C 248 -3.84 56.67 -2.79
CA ALA C 248 -3.16 56.69 -1.49
C ALA C 248 -3.59 55.49 -0.63
N ARG C 249 -2.97 55.36 0.55
CA ARG C 249 -3.29 54.28 1.47
C ARG C 249 -4.25 54.72 2.59
N GLN C 250 -5.41 54.07 2.65
CA GLN C 250 -6.34 54.18 3.78
C GLN C 250 -5.73 53.43 4.96
N ASP C 251 -5.68 54.07 6.12
CA ASP C 251 -5.24 53.40 7.34
C ASP C 251 -6.24 52.29 7.71
N PHE C 252 -5.83 51.38 8.59
CA PHE C 252 -6.56 50.14 8.77
C PHE C 252 -7.66 50.12 9.83
N SER C 253 -7.78 51.21 10.59
CA SER C 253 -8.89 51.37 11.54
C SER C 253 -10.22 51.52 10.78
N LYS C 254 -10.15 52.24 9.67
CA LYS C 254 -11.32 52.51 8.83
C LYS C 254 -11.51 51.40 7.77
N VAL C 255 -11.25 50.16 8.18
CA VAL C 255 -11.50 48.99 7.34
C VAL C 255 -12.47 48.07 8.06
N VAL C 256 -11.98 47.40 9.10
CA VAL C 256 -12.81 46.49 9.88
C VAL C 256 -12.92 47.00 11.33
N PRO C 257 -13.97 47.78 11.60
CA PRO C 257 -14.19 48.40 12.92
C PRO C 257 -14.14 47.46 14.15
N PRO C 258 -14.93 46.38 14.24
CA PRO C 258 -15.02 45.60 15.49
C PRO C 258 -13.74 44.84 15.89
N LEU C 259 -12.63 45.15 15.23
CA LEU C 259 -11.35 44.47 15.43
C LEU C 259 -10.46 45.22 16.40
N ASP C 260 -9.83 44.48 17.31
CA ASP C 260 -8.84 45.03 18.25
C ASP C 260 -7.54 45.42 17.53
N GLU C 261 -6.54 45.88 18.28
CA GLU C 261 -5.24 46.25 17.72
C GLU C 261 -4.50 45.07 17.09
N ASP C 262 -4.62 43.89 17.71
CA ASP C 262 -3.98 42.66 17.24
C ASP C 262 -4.55 42.19 15.90
N GLY C 263 -5.88 41.99 15.88
CA GLY C 263 -6.58 41.56 14.69
C GLY C 263 -6.29 42.44 13.50
N ARG C 264 -6.18 43.75 13.77
CA ARG C 264 -5.89 44.73 12.73
C ARG C 264 -4.50 44.56 12.11
N SER C 265 -3.50 44.24 12.92
CA SER C 265 -2.13 44.06 12.45
C SER C 265 -1.98 42.82 11.57
N LEU C 266 -2.70 41.76 11.92
CA LEU C 266 -2.68 40.52 11.12
C LEU C 266 -3.34 40.79 9.78
N LEU C 267 -4.58 41.30 9.83
CA LEU C 267 -5.36 41.58 8.62
C LEU C 267 -4.62 42.42 7.58
N SER C 268 -3.76 43.32 8.06
CA SER C 268 -3.02 44.24 7.20
C SER C 268 -1.76 43.59 6.65
N GLN C 269 -1.30 42.55 7.31
CA GLN C 269 -0.13 41.78 6.86
C GLN C 269 -0.58 40.69 5.89
N MET C 270 -1.81 40.22 6.07
CA MET C 270 -2.43 39.24 5.18
C MET C 270 -2.91 39.91 3.88
N LEU C 271 -3.27 41.19 3.96
CA LEU C 271 -3.65 41.97 2.77
C LEU C 271 -2.55 42.94 2.32
N HIS C 272 -1.30 42.49 2.32
CA HIS C 272 -0.17 43.30 1.88
C HIS C 272 -0.04 43.28 0.35
N TYR C 273 0.97 43.96 -0.20
CA TYR C 273 1.22 43.97 -1.65
C TYR C 273 2.38 43.09 -2.09
N ASP C 274 3.60 43.50 -1.71
CA ASP C 274 4.82 42.86 -2.22
C ASP C 274 4.81 41.38 -1.83
N PRO C 275 4.66 40.50 -2.81
CA PRO C 275 4.57 39.06 -2.54
C PRO C 275 5.48 38.66 -1.38
N ASN C 276 6.78 38.90 -1.54
CA ASN C 276 7.79 38.52 -0.56
C ASN C 276 7.77 39.31 0.76
N LYS C 277 6.78 40.19 0.92
CA LYS C 277 6.58 40.90 2.19
C LYS C 277 5.19 40.66 2.80
N ARG C 278 4.31 40.04 2.01
CA ARG C 278 3.04 39.54 2.54
C ARG C 278 3.33 38.37 3.48
N ILE C 279 2.57 38.27 4.56
CA ILE C 279 2.84 37.26 5.59
C ILE C 279 2.53 35.84 5.13
N SER C 280 3.37 34.89 5.56
CA SER C 280 3.15 33.46 5.34
C SER C 280 2.16 32.91 6.36
N ALA C 281 1.55 31.76 6.04
CA ALA C 281 0.63 31.10 6.95
C ALA C 281 1.37 30.60 8.20
N LYS C 282 2.61 30.17 7.99
CA LYS C 282 3.52 29.75 9.04
C LYS C 282 3.65 30.86 10.07
N ALA C 283 4.25 31.96 9.63
CA ALA C 283 4.47 33.16 10.43
C ALA C 283 3.19 33.71 11.04
N ALA C 284 2.07 33.53 10.34
CA ALA C 284 0.77 34.03 10.80
C ALA C 284 0.25 33.30 12.04
N LEU C 285 0.58 32.02 12.16
CA LEU C 285 0.18 31.23 13.33
C LEU C 285 0.93 31.69 14.58
N ALA C 286 2.06 32.37 14.36
CA ALA C 286 2.92 32.88 15.42
C ALA C 286 2.67 34.37 15.71
N HIS C 287 1.47 34.84 15.36
CA HIS C 287 1.07 36.21 15.61
C HIS C 287 0.44 36.36 16.98
N PRO C 288 0.68 37.50 17.65
CA PRO C 288 0.04 37.82 18.93
C PRO C 288 -1.48 37.62 18.95
N PHE C 289 -2.14 37.75 17.80
CA PHE C 289 -3.60 37.61 17.74
C PHE C 289 -4.05 36.30 18.36
N PHE C 290 -3.23 35.26 18.20
CA PHE C 290 -3.63 33.90 18.54
C PHE C 290 -3.19 33.40 19.91
N GLN C 291 -2.68 34.28 20.79
CA GLN C 291 -2.16 33.79 22.08
C GLN C 291 -3.23 33.12 22.95
N ASP C 292 -4.42 33.70 22.98
CA ASP C 292 -5.53 33.15 23.77
C ASP C 292 -6.52 32.29 22.96
N VAL C 293 -6.03 31.65 21.89
CA VAL C 293 -6.90 30.85 21.02
C VAL C 293 -7.55 29.69 21.76
N THR C 294 -8.86 29.59 21.60
CA THR C 294 -9.61 28.43 22.10
C THR C 294 -10.30 27.76 20.93
N LYS C 295 -11.04 26.71 21.21
CA LYS C 295 -11.85 26.04 20.20
C LYS C 295 -13.31 26.01 20.62
N PRO C 296 -14.04 27.11 20.41
CA PRO C 296 -15.48 27.16 20.73
C PRO C 296 -16.32 26.34 19.76
N VAL C 297 -17.48 25.91 20.23
CA VAL C 297 -18.46 25.19 19.41
C VAL C 297 -19.46 26.21 18.84
N PRO C 298 -19.68 26.17 17.52
CA PRO C 298 -20.65 27.08 16.89
C PRO C 298 -22.10 26.72 17.23
N HIS C 299 -22.97 27.73 17.15
CA HIS C 299 -24.40 27.56 17.38
C HIS C 299 -25.08 27.04 16.11
N LEU C 300 -25.56 25.79 16.16
CA LEU C 300 -26.21 25.15 15.02
C LEU C 300 -27.53 24.48 15.39
N TYR D 6 8.96 28.41 3.09
CA TYR D 6 8.64 26.95 3.05
C TYR D 6 9.68 26.17 2.27
N HIS D 7 10.65 26.89 1.71
CA HIS D 7 11.63 26.32 0.79
C HIS D 7 12.37 25.10 1.36
N GLU D 8 12.59 25.07 2.67
CA GLU D 8 13.31 23.94 3.27
C GLU D 8 12.37 22.81 3.68
N ASP D 9 11.17 23.17 4.12
CA ASP D 9 10.11 22.20 4.38
C ASP D 9 9.79 21.39 3.13
N ILE D 10 9.51 22.10 2.03
CA ILE D 10 9.20 21.48 0.74
C ILE D 10 10.32 20.54 0.32
N HIS D 11 11.56 21.04 0.40
CA HIS D 11 12.73 20.24 0.07
C HIS D 11 12.81 18.93 0.86
N THR D 12 12.60 19.00 2.16
CA THR D 12 12.65 17.82 3.02
C THR D 12 11.58 16.81 2.57
N TYR D 13 10.37 17.31 2.38
CA TYR D 13 9.22 16.48 1.98
C TYR D 13 9.50 15.73 0.66
N LEU D 14 9.94 16.48 -0.35
CA LEU D 14 10.35 15.89 -1.61
C LEU D 14 11.40 14.80 -1.44
N ARG D 15 12.25 14.96 -0.42
CA ARG D 15 13.30 13.96 -0.15
C ARG D 15 12.72 12.65 0.41
N GLU D 16 11.70 12.78 1.26
CA GLU D 16 10.94 11.60 1.71
C GLU D 16 10.21 10.93 0.52
N MET D 17 9.47 11.73 -0.26
CA MET D 17 8.60 11.20 -1.30
C MET D 17 9.36 10.53 -2.45
N GLU D 18 10.54 11.06 -2.79
CA GLU D 18 11.35 10.47 -3.85
C GLU D 18 11.71 9.01 -3.60
N VAL D 19 11.73 8.62 -2.32
CA VAL D 19 11.96 7.23 -1.96
C VAL D 19 10.66 6.44 -2.13
N LYS D 20 9.54 7.08 -1.78
CA LYS D 20 8.22 6.47 -1.91
C LYS D 20 7.79 6.32 -3.38
N CYS D 21 8.30 7.20 -4.26
CA CYS D 21 7.95 7.20 -5.69
C CYS D 21 8.92 6.44 -6.59
N LYS D 22 9.92 5.82 -5.98
CA LYS D 22 10.97 5.11 -6.72
C LYS D 22 10.42 3.83 -7.36
N PRO D 23 10.66 3.63 -8.65
CA PRO D 23 10.34 2.35 -9.32
C PRO D 23 11.21 1.19 -8.83
N LYS D 24 10.87 -0.03 -9.23
CA LYS D 24 11.61 -1.23 -8.86
C LYS D 24 12.87 -1.38 -9.73
N VAL D 25 14.03 -1.31 -9.08
CA VAL D 25 15.33 -1.19 -9.77
C VAL D 25 15.60 -2.31 -10.77
N GLY D 26 15.25 -3.54 -10.43
CA GLY D 26 15.48 -4.65 -11.34
C GLY D 26 14.31 -5.13 -12.19
N TYR D 27 13.33 -4.26 -12.44
CA TYR D 27 12.10 -4.69 -13.14
C TYR D 27 12.28 -5.23 -14.53
N MET D 28 13.15 -4.61 -15.33
CA MET D 28 13.29 -5.04 -16.72
C MET D 28 13.68 -6.51 -16.84
N LYS D 29 14.47 -7.00 -15.90
CA LYS D 29 14.78 -8.43 -15.81
C LYS D 29 13.53 -9.29 -15.60
N LYS D 30 12.47 -8.66 -15.08
CA LYS D 30 11.19 -9.36 -14.85
C LYS D 30 10.19 -9.20 -16.00
N GLN D 31 10.48 -8.30 -16.94
CA GLN D 31 9.68 -8.11 -18.14
C GLN D 31 10.16 -9.08 -19.20
N PRO D 32 9.34 -10.06 -19.58
CA PRO D 32 9.73 -11.09 -20.55
C PRO D 32 9.92 -10.58 -21.99
N ASP D 33 9.31 -9.45 -22.35
CA ASP D 33 9.25 -9.01 -23.76
C ASP D 33 9.93 -7.68 -24.03
N ILE D 34 10.20 -6.89 -23.00
CA ILE D 34 10.81 -5.57 -23.19
C ILE D 34 12.19 -5.43 -22.53
N THR D 35 12.99 -4.49 -23.06
CA THR D 35 14.39 -4.31 -22.65
C THR D 35 14.71 -2.86 -22.35
N ASN D 36 15.87 -2.64 -21.74
CA ASN D 36 16.37 -1.29 -21.52
C ASN D 36 16.52 -0.48 -22.81
N SER D 37 16.82 -1.16 -23.92
CA SER D 37 17.00 -0.48 -25.21
C SER D 37 15.64 -0.04 -25.76
N MET D 38 14.63 -0.89 -25.58
CA MET D 38 13.27 -0.49 -25.93
C MET D 38 12.87 0.74 -25.12
N ARG D 39 13.15 0.73 -23.82
CA ARG D 39 12.82 1.86 -22.95
C ARG D 39 13.51 3.14 -23.43
N ALA D 40 14.79 3.01 -23.82
CA ALA D 40 15.55 4.16 -24.34
C ALA D 40 14.87 4.80 -25.57
N ILE D 41 14.46 3.95 -26.50
CA ILE D 41 13.76 4.36 -27.71
C ILE D 41 12.50 5.16 -27.36
N LEU D 42 11.72 4.60 -26.44
CA LEU D 42 10.46 5.20 -25.98
C LEU D 42 10.70 6.56 -25.36
N VAL D 43 11.68 6.62 -24.47
CA VAL D 43 11.97 7.88 -23.77
C VAL D 43 12.50 8.97 -24.73
N ASP D 44 13.25 8.56 -25.76
CA ASP D 44 13.71 9.50 -26.79
C ASP D 44 12.57 10.06 -27.62
N TRP D 45 11.66 9.18 -27.99
CA TRP D 45 10.46 9.57 -28.75
C TRP D 45 9.67 10.57 -27.92
N LEU D 46 9.61 10.34 -26.62
CA LEU D 46 8.99 11.29 -25.70
C LEU D 46 9.69 12.65 -25.66
N VAL D 47 11.02 12.66 -25.75
CA VAL D 47 11.77 13.92 -25.85
C VAL D 47 11.28 14.74 -27.03
N GLU D 48 11.23 14.10 -28.20
CA GLU D 48 10.75 14.70 -29.44
C GLU D 48 9.38 15.25 -29.23
N VAL D 49 8.50 14.42 -28.69
CA VAL D 49 7.10 14.78 -28.50
C VAL D 49 7.03 16.03 -27.66
N GLY D 50 7.74 16.01 -26.53
CA GLY D 50 7.81 17.16 -25.65
C GLY D 50 8.25 18.42 -26.40
N GLU D 51 9.17 18.23 -27.35
CA GLU D 51 9.68 19.32 -28.18
C GLU D 51 8.64 19.79 -29.20
N GLU D 52 8.15 18.85 -30.00
CA GLU D 52 7.11 19.10 -31.00
C GLU D 52 5.91 19.87 -30.41
N TYR D 53 5.53 19.55 -29.16
CA TYR D 53 4.40 20.24 -28.52
C TYR D 53 4.80 21.32 -27.51
N LYS D 54 6.11 21.57 -27.44
CA LYS D 54 6.71 22.59 -26.57
C LYS D 54 6.27 22.47 -25.11
N LEU D 55 6.30 21.25 -24.60
CA LEU D 55 5.90 20.97 -23.22
C LEU D 55 7.04 21.24 -22.27
N GLN D 56 6.72 21.64 -21.05
CA GLN D 56 7.69 21.73 -19.95
C GLN D 56 8.51 20.45 -19.81
N ASN D 57 9.76 20.60 -19.37
CA ASN D 57 10.63 19.44 -19.17
C ASN D 57 10.26 18.63 -17.93
N GLU D 58 9.60 19.28 -16.98
CA GLU D 58 9.02 18.61 -15.81
C GLU D 58 8.07 17.50 -16.26
N THR D 59 7.17 17.87 -17.18
CA THR D 59 6.18 16.96 -17.74
C THR D 59 6.85 15.67 -18.22
N LEU D 60 7.97 15.83 -18.92
CA LEU D 60 8.71 14.72 -19.46
C LEU D 60 9.28 13.81 -18.38
N HIS D 61 9.82 14.44 -17.33
CA HIS D 61 10.42 13.70 -16.22
C HIS D 61 9.35 12.86 -15.51
N LEU D 62 8.21 13.47 -15.24
CA LEU D 62 7.03 12.81 -14.68
C LEU D 62 6.57 11.64 -15.55
N ALA D 63 6.43 11.88 -16.85
CA ALA D 63 6.04 10.81 -17.77
C ALA D 63 6.87 9.57 -17.54
N VAL D 64 8.20 9.74 -17.51
CA VAL D 64 9.14 8.62 -17.36
C VAL D 64 9.00 7.90 -15.99
N ASN D 65 8.85 8.68 -14.92
CA ASN D 65 8.52 8.13 -13.60
C ASN D 65 7.26 7.25 -13.67
N TYR D 66 6.23 7.73 -14.36
CA TYR D 66 4.98 6.97 -14.50
C TYR D 66 5.23 5.67 -15.20
N ILE D 67 5.99 5.74 -16.29
CA ILE D 67 6.29 4.55 -17.10
C ILE D 67 7.08 3.55 -16.30
N ASP D 68 8.07 4.03 -15.55
CA ASP D 68 8.89 3.10 -14.76
C ASP D 68 8.08 2.45 -13.62
N ARG D 69 7.26 3.21 -12.92
CA ARG D 69 6.41 2.62 -11.89
C ARG D 69 5.43 1.61 -12.47
N PHE D 70 4.69 2.00 -13.51
CA PHE D 70 3.79 1.08 -14.21
C PHE D 70 4.47 -0.22 -14.62
N LEU D 71 5.63 -0.12 -15.24
CA LEU D 71 6.35 -1.32 -15.67
C LEU D 71 6.92 -2.17 -14.51
N SER D 72 7.06 -1.55 -13.34
CA SER D 72 7.50 -2.29 -12.15
C SER D 72 6.45 -3.31 -11.71
N SER D 73 5.17 -3.08 -12.01
CA SER D 73 4.12 -4.03 -11.61
C SER D 73 3.33 -4.70 -12.73
N MET D 74 3.46 -4.22 -13.96
CA MET D 74 2.65 -4.76 -15.04
C MET D 74 3.54 -5.20 -16.18
N SER D 75 3.41 -6.46 -16.56
CA SER D 75 4.07 -7.01 -17.71
C SER D 75 3.43 -6.45 -18.98
N VAL D 76 4.29 -5.97 -19.90
CA VAL D 76 3.84 -5.35 -21.15
C VAL D 76 4.51 -5.97 -22.38
N LEU D 77 3.72 -6.29 -23.40
CA LEU D 77 4.25 -6.75 -24.69
C LEU D 77 4.83 -5.57 -25.48
N ARG D 78 5.85 -5.82 -26.30
CA ARG D 78 6.61 -4.72 -26.95
C ARG D 78 5.73 -3.82 -27.84
N GLY D 79 4.83 -4.44 -28.59
CA GLY D 79 3.84 -3.70 -29.36
C GLY D 79 2.93 -2.80 -28.53
N LYS D 80 2.91 -2.99 -27.21
CA LYS D 80 2.07 -2.17 -26.36
C LYS D 80 2.85 -1.11 -25.57
N LEU D 81 4.17 -1.11 -25.71
CA LEU D 81 5.00 -0.22 -24.89
C LEU D 81 4.83 1.27 -25.21
N GLN D 82 4.60 1.60 -26.48
CA GLN D 82 4.33 2.97 -26.85
C GLN D 82 2.98 3.41 -26.37
N LEU D 83 2.04 2.47 -26.28
CA LEU D 83 0.73 2.81 -25.72
C LEU D 83 0.89 3.24 -24.26
N VAL D 84 1.69 2.50 -23.50
CA VAL D 84 1.94 2.90 -22.12
C VAL D 84 2.54 4.31 -22.05
N GLY D 85 3.61 4.53 -22.83
CA GLY D 85 4.27 5.82 -22.83
C GLY D 85 3.40 6.96 -23.28
N THR D 86 2.57 6.72 -24.29
CA THR D 86 1.70 7.79 -24.76
C THR D 86 0.76 8.21 -23.64
N ALA D 87 0.18 7.22 -22.95
CA ALA D 87 -0.79 7.51 -21.91
C ALA D 87 -0.09 8.22 -20.77
N ALA D 88 1.13 7.78 -20.46
CA ALA D 88 1.93 8.47 -19.43
C ALA D 88 2.13 9.95 -19.71
N MET D 89 2.41 10.29 -20.97
CA MET D 89 2.66 11.70 -21.31
C MET D 89 1.39 12.52 -21.21
N LEU D 90 0.28 11.90 -21.61
CA LEU D 90 -1.01 12.56 -21.47
C LEU D 90 -1.29 12.89 -20.01
N LEU D 91 -1.13 11.91 -19.13
CA LEU D 91 -1.33 12.11 -17.70
C LEU D 91 -0.41 13.21 -17.13
N ALA D 92 0.87 13.14 -17.45
CA ALA D 92 1.83 14.16 -17.04
C ALA D 92 1.42 15.55 -17.51
N SER D 93 0.99 15.63 -18.78
CA SER D 93 0.55 16.93 -19.31
C SER D 93 -0.66 17.45 -18.59
N LYS D 94 -1.60 16.57 -18.29
CA LYS D 94 -2.77 16.98 -17.53
C LYS D 94 -2.36 17.43 -16.13
N PHE D 95 -1.41 16.74 -15.52
CA PHE D 95 -0.95 17.12 -14.18
C PHE D 95 -0.25 18.48 -14.19
N GLU D 96 0.76 18.61 -15.05
CA GLU D 96 1.72 19.73 -15.03
C GLU D 96 1.43 20.97 -15.92
N GLU D 97 0.76 20.77 -17.07
CA GLU D 97 0.65 21.86 -18.05
C GLU D 97 -0.50 22.82 -17.82
N ILE D 98 -0.30 24.08 -18.20
CA ILE D 98 -1.42 25.03 -18.25
C ILE D 98 -2.37 24.63 -19.40
N TYR D 99 -1.77 24.37 -20.56
CA TYR D 99 -2.48 24.05 -21.80
C TYR D 99 -1.96 22.72 -22.31
N PRO D 100 -2.44 21.61 -21.73
CA PRO D 100 -2.02 20.28 -22.20
C PRO D 100 -2.57 20.09 -23.60
N PRO D 101 -1.91 19.31 -24.45
CA PRO D 101 -2.47 18.94 -25.75
C PRO D 101 -3.69 18.06 -25.54
N GLU D 102 -4.67 18.22 -26.42
CA GLU D 102 -5.88 17.41 -26.39
C GLU D 102 -5.52 15.97 -26.76
N VAL D 103 -6.41 15.03 -26.42
CA VAL D 103 -6.11 13.60 -26.60
C VAL D 103 -5.79 13.24 -28.02
N ALA D 104 -6.51 13.88 -28.94
CA ALA D 104 -6.35 13.65 -30.37
C ALA D 104 -4.91 13.88 -30.85
N GLU D 105 -4.23 14.89 -30.31
CA GLU D 105 -2.82 15.11 -30.68
C GLU D 105 -1.93 13.95 -30.24
N PHE D 106 -2.22 13.40 -29.06
CA PHE D 106 -1.49 12.24 -28.57
C PHE D 106 -1.70 11.01 -29.46
N VAL D 107 -2.94 10.80 -29.90
CA VAL D 107 -3.24 9.73 -30.85
C VAL D 107 -2.47 9.96 -32.16
N TYR D 108 -2.53 11.20 -32.65
CA TYR D 108 -1.81 11.60 -33.85
C TYR D 108 -0.32 11.18 -33.83
N ILE D 109 0.38 11.44 -32.73
CA ILE D 109 1.85 11.24 -32.68
C ILE D 109 2.34 9.79 -32.67
N THR D 110 1.44 8.84 -32.44
CA THR D 110 1.79 7.42 -32.60
C THR D 110 1.56 6.93 -34.05
N ASP D 111 1.41 7.87 -34.97
CA ASP D 111 0.99 7.63 -36.39
C ASP D 111 -0.25 6.72 -36.54
N ASP D 112 -1.25 6.93 -35.69
CA ASP D 112 -2.40 6.01 -35.58
C ASP D 112 -2.03 4.50 -35.47
N THR D 113 -0.99 4.18 -34.68
CA THR D 113 -0.69 2.79 -34.32
C THR D 113 -1.76 2.28 -33.32
N TYR D 114 -2.31 3.22 -32.57
CA TYR D 114 -3.32 2.92 -31.57
C TYR D 114 -4.55 3.76 -31.85
N THR D 115 -5.72 3.28 -31.42
CA THR D 115 -6.94 4.09 -31.50
C THR D 115 -6.96 5.09 -30.38
N LYS D 116 -7.90 6.03 -30.46
CA LYS D 116 -8.15 6.98 -29.39
C LYS D 116 -8.73 6.27 -28.18
N LYS D 117 -9.45 5.19 -28.41
CA LYS D 117 -10.11 4.48 -27.33
C LYS D 117 -9.06 3.68 -26.57
N GLN D 118 -8.09 3.14 -27.29
CA GLN D 118 -6.96 2.48 -26.63
C GLN D 118 -6.22 3.44 -25.72
N VAL D 119 -5.98 4.67 -26.19
CA VAL D 119 -5.22 5.65 -25.41
C VAL D 119 -5.92 5.99 -24.11
N LEU D 120 -7.22 6.27 -24.19
CA LEU D 120 -8.00 6.62 -23.01
C LEU D 120 -8.17 5.44 -22.07
N ARG D 121 -8.31 4.23 -22.61
CA ARG D 121 -8.39 3.01 -21.78
C ARG D 121 -7.05 2.79 -21.05
N MET D 122 -5.95 2.96 -21.75
CA MET D 122 -4.62 2.94 -21.11
C MET D 122 -4.46 4.07 -20.07
N GLU D 123 -4.99 5.26 -20.32
CA GLU D 123 -4.83 6.34 -19.34
C GLU D 123 -5.41 5.90 -18.00
N HIS D 124 -6.62 5.34 -18.08
CA HIS D 124 -7.33 4.84 -16.94
C HIS D 124 -6.57 3.69 -16.24
N LEU D 125 -6.10 2.70 -17.00
CA LEU D 125 -5.33 1.59 -16.41
C LEU D 125 -4.08 2.08 -15.68
N VAL D 126 -3.38 3.06 -16.25
CA VAL D 126 -2.18 3.63 -15.62
C VAL D 126 -2.53 4.32 -14.32
N LEU D 127 -3.61 5.09 -14.32
CA LEU D 127 -4.07 5.74 -13.10
C LEU D 127 -4.33 4.73 -11.96
N LYS D 128 -4.96 3.61 -12.32
CA LYS D 128 -5.37 2.59 -11.38
C LYS D 128 -4.15 1.86 -10.81
N VAL D 129 -3.20 1.54 -11.70
CA VAL D 129 -1.95 0.88 -11.33
C VAL D 129 -1.13 1.74 -10.39
N LEU D 130 -1.04 3.04 -10.72
CA LEU D 130 -0.32 3.98 -9.88
C LEU D 130 -1.16 4.46 -8.69
N THR D 131 -2.38 3.92 -8.54
CA THR D 131 -3.38 4.45 -7.59
C THR D 131 -3.45 5.99 -7.49
N PHE D 132 -3.46 6.64 -8.65
CA PHE D 132 -3.59 8.09 -8.76
C PHE D 132 -2.48 8.90 -8.09
N ASP D 133 -1.38 8.24 -7.70
CA ASP D 133 -0.29 8.96 -7.03
C ASP D 133 0.68 9.50 -8.07
N LEU D 134 0.42 10.73 -8.51
CA LEU D 134 1.10 11.28 -9.69
C LEU D 134 2.12 12.37 -9.38
N ALA D 135 2.02 12.95 -8.19
CA ALA D 135 2.84 14.08 -7.78
C ALA D 135 4.24 13.66 -7.33
N ALA D 136 5.00 13.09 -8.24
CA ALA D 136 6.31 12.55 -7.90
C ALA D 136 7.39 13.63 -7.99
N PRO D 137 8.38 13.55 -7.09
CA PRO D 137 9.62 14.33 -7.22
C PRO D 137 10.42 13.89 -8.44
N THR D 138 10.92 14.87 -9.18
CA THR D 138 11.80 14.60 -10.30
C THR D 138 13.10 15.38 -10.14
N VAL D 139 14.14 14.90 -10.82
CA VAL D 139 15.39 15.62 -11.06
C VAL D 139 15.14 17.08 -11.36
N ASN D 140 14.22 17.35 -12.28
CA ASN D 140 13.86 18.71 -12.61
C ASN D 140 13.48 19.56 -11.41
N GLN D 141 12.77 18.97 -10.45
CA GLN D 141 12.26 19.71 -9.28
C GLN D 141 13.37 20.14 -8.33
N PHE D 142 14.42 19.34 -8.28
CA PHE D 142 15.56 19.60 -7.41
C PHE D 142 16.50 20.65 -8.02
N LEU D 143 16.77 20.54 -9.32
CA LEU D 143 17.62 21.51 -10.01
C LEU D 143 17.10 22.93 -9.83
N THR D 144 15.82 23.14 -10.11
CA THR D 144 15.21 24.46 -9.93
C THR D 144 15.48 25.01 -8.52
N GLN D 145 15.68 24.10 -7.58
CA GLN D 145 16.04 24.46 -6.22
C GLN D 145 17.54 24.73 -6.09
N TYR D 146 18.36 23.83 -6.64
CA TYR D 146 19.82 24.02 -6.60
C TYR D 146 20.28 25.28 -7.37
N PHE D 147 19.44 25.75 -8.29
CA PHE D 147 19.75 26.92 -9.12
C PHE D 147 19.62 28.25 -8.35
N LEU D 148 18.87 28.22 -7.26
CA LEU D 148 18.74 29.40 -6.39
C LEU D 148 20.05 29.72 -5.64
N HIS D 149 20.97 28.77 -5.60
CA HIS D 149 22.23 28.92 -4.86
C HIS D 149 23.43 29.36 -5.72
N GLN D 150 23.14 29.80 -6.94
CA GLN D 150 24.17 30.31 -7.82
C GLN D 150 24.61 31.73 -7.44
N GLN D 151 25.86 32.05 -7.77
CA GLN D 151 26.39 33.41 -7.70
C GLN D 151 27.59 33.60 -8.63
N PRO D 152 27.36 34.21 -9.80
CA PRO D 152 26.04 34.71 -10.20
C PRO D 152 25.16 33.64 -10.85
N ALA D 153 23.87 33.94 -10.99
CA ALA D 153 22.94 33.05 -11.69
C ALA D 153 23.30 32.96 -13.18
N ASN D 154 23.88 31.83 -13.60
CA ASN D 154 24.34 31.68 -14.98
C ASN D 154 23.33 30.95 -15.88
N CYS D 155 23.14 31.51 -17.08
CA CYS D 155 22.20 30.96 -18.06
C CYS D 155 22.67 29.67 -18.71
N LYS D 156 23.98 29.56 -18.97
CA LYS D 156 24.56 28.36 -19.56
C LYS D 156 24.60 27.20 -18.57
N VAL D 157 24.77 27.52 -17.29
CA VAL D 157 24.84 26.51 -16.24
C VAL D 157 23.48 25.82 -16.06
N GLU D 158 22.46 26.63 -15.78
CA GLU D 158 21.08 26.16 -15.62
C GLU D 158 20.65 25.25 -16.79
N SER D 159 21.01 25.64 -18.02
CA SER D 159 20.64 24.89 -19.21
C SER D 159 21.44 23.60 -19.34
N LEU D 160 22.74 23.63 -19.06
CA LEU D 160 23.56 22.43 -19.21
C LEU D 160 23.29 21.36 -18.14
N ALA D 161 22.83 21.80 -16.97
CA ALA D 161 22.44 20.87 -15.89
C ALA D 161 21.17 20.12 -16.30
N MET D 162 20.16 20.90 -16.71
CA MET D 162 18.91 20.37 -17.27
C MET D 162 19.19 19.30 -18.33
N PHE D 163 20.04 19.63 -19.30
CA PHE D 163 20.45 18.69 -20.35
C PHE D 163 20.95 17.37 -19.79
N LEU D 164 21.83 17.46 -18.79
CA LEU D 164 22.52 16.28 -18.25
C LEU D 164 21.59 15.37 -17.46
N GLY D 165 20.67 15.97 -16.73
CA GLY D 165 19.64 15.23 -16.02
C GLY D 165 18.80 14.49 -17.04
N GLU D 166 18.15 15.26 -17.90
CA GLU D 166 17.36 14.70 -19.00
C GLU D 166 17.97 13.44 -19.63
N LEU D 167 19.29 13.41 -19.78
CA LEU D 167 19.97 12.28 -20.39
C LEU D 167 19.96 11.03 -19.50
N SER D 168 19.73 11.24 -18.22
CA SER D 168 19.65 10.13 -17.27
C SER D 168 18.37 9.32 -17.52
N LEU D 169 17.30 10.04 -17.87
CA LEU D 169 16.01 9.42 -18.20
C LEU D 169 16.13 8.35 -19.29
N ILE D 170 17.02 8.58 -20.26
CA ILE D 170 17.21 7.66 -21.37
C ILE D 170 17.73 6.27 -20.98
N ASP D 171 18.56 6.23 -19.94
CA ASP D 171 19.28 4.99 -19.60
C ASP D 171 18.92 4.42 -18.21
N ALA D 172 18.02 3.44 -18.19
CA ALA D 172 17.60 2.77 -16.94
C ALA D 172 18.79 2.19 -16.22
N ASP D 173 19.73 1.64 -16.99
CA ASP D 173 21.02 1.20 -16.48
C ASP D 173 22.01 2.26 -16.93
N PRO D 174 22.52 3.07 -15.99
CA PRO D 174 22.39 2.83 -14.55
C PRO D 174 21.35 3.67 -13.78
N TYR D 175 20.78 4.70 -14.39
CA TYR D 175 20.14 5.77 -13.63
C TYR D 175 18.90 5.44 -12.78
N LEU D 176 18.44 4.19 -12.89
CA LEU D 176 17.30 3.72 -12.10
C LEU D 176 17.65 3.58 -10.62
N LYS D 177 18.92 3.30 -10.32
CA LYS D 177 19.36 3.08 -8.95
C LYS D 177 19.64 4.36 -8.17
N TYR D 178 19.81 5.48 -8.88
CA TYR D 178 20.01 6.76 -8.21
C TYR D 178 18.70 7.54 -8.05
N LEU D 179 18.69 8.48 -7.10
CA LEU D 179 17.49 9.23 -6.75
C LEU D 179 17.50 10.67 -7.33
N PRO D 180 16.33 11.12 -7.77
CA PRO D 180 16.17 12.47 -8.35
C PRO D 180 17.02 13.59 -7.74
N SER D 181 17.17 13.59 -6.42
CA SER D 181 17.92 14.63 -5.71
C SER D 181 19.43 14.56 -5.96
N VAL D 182 19.92 13.33 -6.12
CA VAL D 182 21.31 13.02 -6.37
C VAL D 182 21.69 13.38 -7.81
N ILE D 183 20.97 12.80 -8.78
CA ILE D 183 21.16 13.14 -10.18
C ILE D 183 21.21 14.66 -10.29
N ALA D 184 20.25 15.34 -9.67
CA ALA D 184 20.20 16.81 -9.67
C ALA D 184 21.47 17.46 -9.07
N GLY D 185 22.11 16.79 -8.11
CA GLY D 185 23.40 17.21 -7.59
C GLY D 185 24.48 17.03 -8.64
N ALA D 186 24.78 15.77 -8.94
CA ALA D 186 25.74 15.39 -9.98
C ALA D 186 25.64 16.24 -11.25
N ALA D 187 24.41 16.55 -11.67
CA ALA D 187 24.19 17.32 -12.89
C ALA D 187 24.47 18.81 -12.70
N PHE D 188 24.19 19.33 -11.50
CA PHE D 188 24.48 20.73 -11.20
C PHE D 188 25.99 20.94 -11.04
N HIS D 189 26.64 20.03 -10.31
CA HIS D 189 28.09 20.02 -10.19
C HIS D 189 28.72 20.07 -11.57
N LEU D 190 28.40 19.07 -12.39
CA LEU D 190 29.01 18.91 -13.72
C LEU D 190 28.83 20.11 -14.63
N ALA D 191 27.64 20.72 -14.61
CA ALA D 191 27.39 21.95 -15.37
C ALA D 191 28.16 23.16 -14.81
N LEU D 192 28.18 23.29 -13.48
CA LEU D 192 28.93 24.34 -12.78
C LEU D 192 30.43 24.24 -13.06
N TYR D 193 30.97 23.02 -12.90
CA TYR D 193 32.38 22.74 -13.15
C TYR D 193 32.79 23.03 -14.60
N THR D 194 32.05 22.45 -15.53
CA THR D 194 32.37 22.54 -16.95
C THR D 194 32.29 23.98 -17.46
N VAL D 195 31.20 24.68 -17.13
CA VAL D 195 31.03 26.05 -17.61
C VAL D 195 32.04 27.03 -16.98
N THR D 196 32.10 27.06 -15.65
CA THR D 196 32.88 28.09 -14.94
C THR D 196 34.16 27.62 -14.24
N GLY D 197 34.23 26.33 -13.88
CA GLY D 197 35.36 25.82 -13.14
C GLY D 197 35.12 25.71 -11.64
N GLN D 198 34.03 26.32 -11.18
CA GLN D 198 33.56 26.17 -9.80
C GLN D 198 33.09 24.74 -9.50
N SER D 199 32.73 24.48 -8.24
CA SER D 199 32.24 23.15 -7.86
C SER D 199 31.11 23.26 -6.83
N TRP D 200 30.48 22.11 -6.53
CA TRP D 200 29.39 21.97 -5.57
C TRP D 200 29.47 22.98 -4.40
N PRO D 201 28.60 23.99 -4.42
CA PRO D 201 28.71 25.13 -3.49
C PRO D 201 28.32 24.83 -2.05
N GLU D 202 29.03 25.47 -1.12
CA GLU D 202 28.89 25.24 0.31
C GLU D 202 27.44 25.25 0.81
N SER D 203 26.69 26.27 0.38
CA SER D 203 25.30 26.45 0.80
C SER D 203 24.42 25.26 0.45
N LEU D 204 24.79 24.54 -0.61
CA LEU D 204 24.06 23.34 -1.02
C LEU D 204 24.49 22.10 -0.25
N ILE D 205 25.72 22.10 0.28
CA ILE D 205 26.18 21.04 1.17
C ILE D 205 25.33 21.02 2.45
N ARG D 206 24.92 22.21 2.89
CA ARG D 206 24.17 22.37 4.12
C ARG D 206 22.70 21.99 3.89
N LYS D 207 22.14 22.49 2.79
CA LYS D 207 20.76 22.24 2.41
C LYS D 207 20.46 20.76 2.21
N THR D 208 21.33 20.08 1.47
CA THR D 208 21.11 18.68 1.05
C THR D 208 21.81 17.65 1.93
N GLY D 209 22.99 17.98 2.43
CA GLY D 209 23.84 17.04 3.14
C GLY D 209 24.53 16.11 2.15
N TYR D 210 24.85 16.65 0.98
CA TYR D 210 25.47 15.88 -0.11
C TYR D 210 26.91 16.31 -0.41
N THR D 211 27.84 15.35 -0.42
CA THR D 211 29.25 15.64 -0.69
C THR D 211 29.74 14.88 -1.91
N LEU D 212 30.60 15.54 -2.70
CA LEU D 212 31.18 14.93 -3.91
C LEU D 212 31.65 13.49 -3.67
N GLU D 213 31.86 13.15 -2.40
CA GLU D 213 32.14 11.76 -2.04
C GLU D 213 30.86 10.90 -2.13
N SER D 214 29.75 11.39 -1.58
CA SER D 214 28.47 10.66 -1.66
C SER D 214 27.96 10.67 -3.09
N LEU D 215 27.87 11.87 -3.67
CA LEU D 215 27.52 12.04 -5.07
C LEU D 215 28.56 11.45 -6.04
N LYS D 216 29.45 10.58 -5.54
CA LYS D 216 30.53 10.04 -6.37
C LYS D 216 30.11 9.04 -7.47
N PRO D 217 29.67 7.83 -7.12
CA PRO D 217 29.34 6.82 -8.16
C PRO D 217 28.40 7.34 -9.27
N CYS D 218 27.58 8.34 -8.95
CA CYS D 218 26.66 8.96 -9.91
C CYS D 218 27.35 10.06 -10.74
N LEU D 219 28.39 10.67 -10.18
CA LEU D 219 29.25 11.60 -10.92
C LEU D 219 30.09 10.84 -11.94
N MET D 220 30.48 9.61 -11.58
CA MET D 220 31.16 8.72 -12.51
C MET D 220 30.26 8.50 -13.72
N ASP D 221 29.09 7.93 -13.45
CA ASP D 221 28.15 7.55 -14.50
C ASP D 221 27.70 8.71 -15.38
N LEU D 222 27.33 9.83 -14.78
CA LEU D 222 26.88 11.01 -15.54
C LEU D 222 28.02 11.62 -16.37
N HIS D 223 29.25 11.42 -15.90
CA HIS D 223 30.46 11.83 -16.59
C HIS D 223 30.66 11.01 -17.87
N GLN D 224 30.70 9.68 -17.74
CA GLN D 224 30.78 8.79 -18.90
C GLN D 224 29.65 9.07 -19.89
N THR D 225 28.43 9.23 -19.38
CA THR D 225 27.25 9.50 -20.21
C THR D 225 27.40 10.81 -20.98
N TYR D 226 28.00 11.81 -20.33
CA TYR D 226 28.35 13.08 -20.97
C TYR D 226 29.43 12.90 -22.03
N LEU D 227 30.32 11.93 -21.83
CA LEU D 227 31.40 11.67 -22.77
C LEU D 227 30.88 11.03 -24.05
N LYS D 228 30.25 9.87 -23.90
CA LYS D 228 29.83 9.06 -25.05
C LYS D 228 28.53 9.54 -25.70
N ALA D 229 28.09 10.74 -25.31
CA ALA D 229 26.81 11.31 -25.75
C ALA D 229 26.55 11.27 -27.27
N PRO D 230 27.47 11.76 -28.12
CA PRO D 230 27.21 11.77 -29.57
C PRO D 230 27.29 10.38 -30.20
N GLN D 231 27.73 9.38 -29.43
CA GLN D 231 27.78 7.98 -29.90
C GLN D 231 26.55 7.17 -29.47
N HIS D 232 25.68 7.79 -28.65
CA HIS D 232 24.52 7.10 -28.09
C HIS D 232 23.50 6.72 -29.17
N ALA D 233 23.06 5.47 -29.15
CA ALA D 233 21.97 5.02 -30.02
C ALA D 233 20.82 6.01 -30.09
N GLN D 234 20.61 6.77 -29.01
CA GLN D 234 19.53 7.78 -28.90
C GLN D 234 20.08 9.19 -28.88
N GLN D 235 19.39 10.11 -29.56
CA GLN D 235 19.99 11.39 -29.92
C GLN D 235 19.12 12.65 -29.81
N SER D 236 17.83 12.52 -29.49
CA SER D 236 16.93 13.67 -29.48
C SER D 236 17.26 14.73 -28.43
N ILE D 237 17.91 14.33 -27.34
CA ILE D 237 18.22 15.27 -26.26
C ILE D 237 19.32 16.25 -26.70
N ARG D 238 20.39 15.72 -27.29
CA ARG D 238 21.46 16.53 -27.89
C ARG D 238 20.85 17.54 -28.86
N GLU D 239 20.09 17.05 -29.84
CA GLU D 239 19.50 17.90 -30.88
C GLU D 239 18.62 19.00 -30.28
N LYS D 240 17.88 18.65 -29.23
CA LYS D 240 17.04 19.61 -28.51
C LYS D 240 17.90 20.72 -27.91
N TYR D 241 19.05 20.34 -27.34
CA TYR D 241 19.89 21.26 -26.58
C TYR D 241 21.02 21.89 -27.42
N LYS D 242 20.67 22.27 -28.64
CA LYS D 242 21.53 23.05 -29.52
C LYS D 242 20.84 24.36 -29.84
N ASN D 243 19.59 24.46 -29.38
CA ASN D 243 18.74 25.64 -29.60
C ASN D 243 19.23 26.89 -28.87
N SER D 244 18.87 28.05 -29.41
CA SER D 244 19.15 29.34 -28.77
C SER D 244 18.33 29.53 -27.47
N LYS D 245 17.25 28.77 -27.33
CA LYS D 245 16.51 28.73 -26.06
C LYS D 245 17.34 28.03 -24.99
N TYR D 246 18.07 26.99 -25.40
CA TYR D 246 18.87 26.21 -24.46
C TYR D 246 20.36 26.52 -24.51
N HIS D 247 20.72 27.59 -25.23
CA HIS D 247 22.11 28.08 -25.35
C HIS D 247 23.09 27.04 -25.89
N GLY D 248 22.61 26.18 -26.79
CA GLY D 248 23.41 25.16 -27.44
C GLY D 248 24.44 24.46 -26.56
N VAL D 249 24.05 24.19 -25.32
CA VAL D 249 24.95 23.66 -24.29
C VAL D 249 25.44 22.23 -24.57
N SER D 250 24.73 21.55 -25.48
CA SER D 250 25.07 20.17 -25.85
C SER D 250 26.24 20.10 -26.83
N LEU D 251 26.62 21.25 -27.38
CA LEU D 251 27.76 21.33 -28.29
C LEU D 251 29.07 21.43 -27.51
N LEU D 252 29.01 22.08 -26.35
CA LEU D 252 30.18 22.32 -25.51
C LEU D 252 30.85 21.00 -25.10
N ASN D 253 32.18 20.97 -25.25
CA ASN D 253 32.96 19.76 -25.08
C ASN D 253 32.96 19.18 -23.66
N PRO D 254 32.94 17.85 -23.55
CA PRO D 254 33.00 17.19 -22.26
C PRO D 254 34.34 17.45 -21.56
N PRO D 255 34.36 17.48 -20.23
CA PRO D 255 35.63 17.51 -19.49
C PRO D 255 36.31 16.16 -19.60
N GLU D 256 37.64 16.16 -19.70
CA GLU D 256 38.38 14.90 -19.76
C GLU D 256 38.33 14.16 -18.42
N THR D 257 38.48 14.89 -17.31
CA THR D 257 38.48 14.33 -15.95
C THR D 257 38.09 15.34 -14.86
N LEU D 258 38.03 14.85 -13.62
CA LEU D 258 37.71 15.67 -12.45
C LEU D 258 38.58 15.22 -11.26
C2 N20 E . -2.23 -22.36 -16.02
O23 N20 E . -2.53 -27.73 -19.37
C8 N20 E . -2.19 -19.85 -12.36
C10 N20 E . -5.22 -24.47 -14.05
C11 N20 E . -5.65 -25.54 -13.07
C12 N20 E . -6.23 -26.73 -13.84
C13 N20 E . -6.64 -27.91 -12.94
C14 N20 E . -5.59 -28.26 -11.89
C15 N20 E . -5.03 -27.03 -11.17
C16 N20 E . -4.50 -26.00 -12.17
C19 N20 E . -2.33 -26.35 -17.52
C20 N20 E . -2.36 -26.51 -18.90
C21 N20 E . -2.28 -25.41 -19.75
C22 N20 E . -2.11 -24.15 -19.19
N1 N20 E . -3.15 -23.07 -15.31
C6 N20 E . -3.52 -22.75 -14.05
O6 N20 E . -4.46 -23.48 -13.37
C5 N20 E . -2.93 -21.56 -13.45
N7 N20 E . -3.07 -20.93 -12.25
N9 N20 E . -1.49 -19.72 -13.56
C4 N20 E . -1.98 -20.84 -14.25
N3 N20 E . -1.64 -21.24 -15.49
N2 N20 E . -1.90 -22.75 -17.27
C17 N20 E . -2.07 -23.99 -17.81
C18 N20 E . -2.18 -25.09 -16.97
C1 SGM F . -1.37 -6.59 6.54
C2 SGM F . -0.76 -7.04 5.21
O2 SGM F . -0.24 -8.37 5.29
C3 SGM F . 0.35 -6.12 4.70
O3 SGM F . -0.24 -4.91 4.22
S1 SGM F . -1.95 -7.99 7.58
MG MG G . -14.94 7.87 19.84
C2 N20 H . -19.78 18.71 2.62
O23 N20 H . -24.50 23.01 2.98
C8 N20 H . -15.98 16.93 1.12
C10 N20 H . -19.88 20.65 -1.09
C11 N20 H . -19.45 21.42 -2.33
C12 N20 H . -20.68 22.16 -2.89
C13 N20 H . -20.31 23.19 -3.95
C14 N20 H . -19.26 24.15 -3.42
C15 N20 H . -17.99 23.38 -3.06
C16 N20 H . -18.33 22.39 -1.94
C19 N20 H . -22.29 22.24 2.58
C20 N20 H . -23.58 22.05 3.08
C21 N20 H . -23.93 20.84 3.70
C22 N20 H . -22.98 19.83 3.82
N1 N20 H . -19.77 19.33 1.40
C6 N20 H . -18.78 19.15 0.50
O6 N20 H . -18.79 19.80 -0.69
C5 N20 H . -17.69 18.23 0.84
N7 N20 H . -16.54 17.80 0.21
N9 N20 H . -16.68 16.78 2.30
C4 N20 H . -17.77 17.59 2.11
N3 N20 H . -18.78 17.85 2.97
N2 N20 H . -20.80 18.97 3.47
C17 N20 H . -21.69 20.00 3.32
C18 N20 H . -21.34 21.22 2.70
C1 SGM I . 4.15 7.11 -4.97
C2 SGM I . 3.21 7.65 -3.90
O2 SGM I . 3.28 9.07 -3.86
C3 SGM I . 3.55 7.04 -2.55
O3 SGM I . 2.74 5.89 -2.33
S1 SGM I . 4.54 8.36 -6.23
#